data_8EEK
#
_entry.id   8EEK
#
_cell.length_a   59.881
_cell.length_b   118.600
_cell.length_c   141.411
_cell.angle_alpha   90.00
_cell.angle_beta   90.00
_cell.angle_gamma   90.00
#
_symmetry.space_group_name_H-M   'P 21 21 21'
#
loop_
_entity.id
_entity.type
_entity.pdbx_description
1 polymer 'Amine oxidase'
2 non-polymer 'FLAVIN-ADENINE DINUCLEOTIDE'
3 non-polymer 4-(2-aminoethyl)phenol
4 water water
#
_entity_poly.entity_id   1
_entity_poly.type   'polypeptide(L)'
_entity_poly.pdbx_seq_one_letter_code
;MSKNKVVIIGAGFAGLVAARELQTAGIEYEILEAKDRIGGRAWTEERMGRPLELGATWVHWFQAHTWTEIMRYGQRTEIT
ASPSGNDAHWVTDGKVVKGTEDDLDEKLTAAMGVTYEGSEEYFPNPHDPLWVLSDDFDGPAEVRERFLSDDQTNAIDLVK
EAGFDQETIDLVDAFWCAGYIGDPYTGSALMAKQWGALSDNRYRVMEDITLKWKLNNGMRSLYDGIAGDLNTDIRLNTPV
AKVEHHDNGATVTTESGEVIEASAVICTVPVGALSNIEFSPALPDAVQSVIDDKWNSQGAKIWIKIKGHHRFLGYAPKPA
KMSVVRSEYFMDDDTTILVGFGYDNTNIDLNSIEDAQAVINQWRDDLEVVDTTGHNWVADKWAGQAWGTLRKGQFTQGWS
LFDDIDSQLFFAGSDYAYGWRGVCVDGALEKGMTTARQVINSMRETKEQ
;
_entity_poly.pdbx_strand_id   A,B
#
loop_
_chem_comp.id
_chem_comp.type
_chem_comp.name
_chem_comp.formula
AEF non-polymer 4-(2-aminoethyl)phenol 'C8 H11 N O'
FAD non-polymer 'FLAVIN-ADENINE DINUCLEOTIDE' 'C27 H33 N9 O15 P2'
#
# COMPACT_ATOMS: atom_id res chain seq x y z
N LYS A 5 16.79 -22.89 13.00
CA LYS A 5 16.01 -24.10 13.22
C LYS A 5 14.56 -23.78 13.55
N VAL A 6 14.05 -22.68 12.98
CA VAL A 6 12.63 -22.35 13.07
C VAL A 6 11.87 -23.24 12.09
N VAL A 7 10.84 -23.93 12.57
CA VAL A 7 10.00 -24.75 11.72
C VAL A 7 8.76 -23.96 11.34
N ILE A 8 8.53 -23.81 10.04
CA ILE A 8 7.35 -23.14 9.51
C ILE A 8 6.40 -24.21 8.99
N ILE A 9 5.18 -24.23 9.51
CA ILE A 9 4.17 -25.19 9.08
C ILE A 9 3.31 -24.52 8.03
N GLY A 10 3.45 -24.97 6.78
CA GLY A 10 2.64 -24.51 5.68
C GLY A 10 3.37 -23.58 4.73
N ALA A 11 3.30 -23.88 3.43
CA ALA A 11 3.91 -23.09 2.38
C ALA A 11 2.86 -22.29 1.60
N GLY A 12 1.90 -21.70 2.29
CA GLY A 12 1.09 -20.63 1.74
C GLY A 12 1.87 -19.33 1.78
N PHE A 13 1.18 -18.24 1.43
CA PHE A 13 1.86 -16.94 1.40
C PHE A 13 2.45 -16.57 2.76
N ALA A 14 1.75 -16.88 3.86
CA ALA A 14 2.27 -16.50 5.18
C ALA A 14 3.56 -17.24 5.52
N GLY A 15 3.60 -18.55 5.27
CA GLY A 15 4.80 -19.30 5.59
C GLY A 15 5.96 -18.97 4.66
N LEU A 16 5.65 -18.74 3.38
CA LEU A 16 6.69 -18.39 2.41
C LEU A 16 7.34 -17.05 2.76
N VAL A 17 6.53 -16.02 3.05
CA VAL A 17 7.10 -14.71 3.34
C VAL A 17 7.76 -14.70 4.71
N ALA A 18 7.29 -15.53 5.64
CA ALA A 18 7.98 -15.66 6.91
C ALA A 18 9.36 -16.25 6.71
N ALA A 19 9.45 -17.30 5.88
CA ALA A 19 10.75 -17.91 5.59
C ALA A 19 11.72 -16.92 4.97
N ARG A 20 11.25 -16.15 3.99
CA ARG A 20 12.14 -15.16 3.37
C ARG A 20 12.60 -14.13 4.40
N GLU A 21 11.72 -13.75 5.32
CA GLU A 21 12.09 -12.75 6.33
C GLU A 21 13.15 -13.30 7.29
N LEU A 22 13.01 -14.57 7.68
CA LEU A 22 14.01 -15.20 8.52
C LEU A 22 15.34 -15.33 7.78
N GLN A 23 15.27 -15.65 6.50
CA GLN A 23 16.47 -15.76 5.68
C GLN A 23 17.25 -14.45 5.66
N THR A 24 16.54 -13.33 5.49
CA THR A 24 17.19 -12.03 5.53
C THR A 24 17.96 -11.83 6.83
N ALA A 25 17.41 -12.32 7.93
CA ALA A 25 18.03 -12.16 9.24
C ALA A 25 19.07 -13.23 9.54
N GLY A 26 19.39 -14.10 8.58
CA GLY A 26 20.35 -15.16 8.81
C GLY A 26 19.91 -16.22 9.78
N ILE A 27 18.61 -16.45 9.91
CA ILE A 27 18.07 -17.42 10.85
C ILE A 27 17.70 -18.68 10.09
N GLU A 28 18.12 -19.82 10.60
CA GLU A 28 17.85 -21.05 9.88
C GLU A 28 16.39 -21.47 10.06
N TYR A 29 15.81 -22.01 8.99
CA TYR A 29 14.39 -22.34 8.97
C TYR A 29 14.19 -23.58 8.11
N GLU A 30 12.99 -24.14 8.19
CA GLU A 30 12.54 -25.15 7.26
C GLU A 30 11.02 -25.05 7.17
N ILE A 31 10.49 -25.14 5.96
CA ILE A 31 9.04 -25.15 5.72
C ILE A 31 8.60 -26.59 5.50
N LEU A 32 7.61 -27.03 6.27
CA LEU A 32 6.97 -28.32 6.06
C LEU A 32 5.57 -28.07 5.51
N GLU A 33 5.27 -28.61 4.34
CA GLU A 33 3.99 -28.45 3.66
C GLU A 33 3.34 -29.82 3.46
N ALA A 34 2.06 -29.93 3.85
CA ALA A 34 1.36 -31.21 3.74
C ALA A 34 1.13 -31.63 2.29
N LYS A 35 0.85 -30.67 1.41
CA LYS A 35 0.47 -30.97 0.04
C LYS A 35 1.71 -31.16 -0.85
N ASP A 36 1.47 -31.56 -2.08
CA ASP A 36 2.52 -31.69 -3.09
C ASP A 36 2.68 -30.42 -3.92
N ARG A 37 2.28 -29.27 -3.35
CA ARG A 37 2.35 -27.98 -4.03
C ARG A 37 2.45 -26.88 -2.99
N ILE A 38 2.95 -25.73 -3.42
CA ILE A 38 2.98 -24.54 -2.58
C ILE A 38 1.88 -23.60 -3.03
N GLY A 39 1.59 -22.59 -2.20
CA GLY A 39 0.59 -21.57 -2.50
C GLY A 39 -0.59 -21.59 -1.56
N GLY A 40 -0.91 -22.76 -1.00
CA GLY A 40 -2.02 -22.84 -0.06
C GLY A 40 -3.34 -22.47 -0.73
N ARG A 41 -4.08 -21.56 -0.10
CA ARG A 41 -5.37 -21.13 -0.64
C ARG A 41 -5.23 -20.12 -1.77
N ALA A 42 -4.02 -19.80 -2.18
CA ALA A 42 -3.77 -19.24 -3.50
C ALA A 42 -3.32 -20.39 -4.40
N TRP A 43 -3.99 -20.54 -5.55
CA TRP A 43 -3.73 -21.71 -6.40
C TRP A 43 -4.12 -21.35 -7.83
N THR A 44 -3.11 -21.05 -8.65
CA THR A 44 -3.31 -20.82 -10.08
C THR A 44 -3.10 -22.14 -10.80
N GLU A 45 -4.12 -22.59 -11.53
CA GLU A 45 -4.07 -23.88 -12.21
C GLU A 45 -4.79 -23.81 -13.55
N GLU A 46 -4.21 -24.45 -14.56
CA GLU A 46 -4.85 -24.56 -15.86
C GLU A 46 -6.11 -25.40 -15.78
N ARG A 47 -7.26 -24.78 -16.06
CA ARG A 47 -8.54 -25.48 -16.11
C ARG A 47 -9.41 -24.84 -17.17
N MET A 48 -10.19 -25.67 -17.87
CA MET A 48 -11.16 -25.19 -18.87
C MET A 48 -10.51 -24.29 -19.91
N GLY A 49 -9.23 -24.55 -20.21
CA GLY A 49 -8.53 -23.89 -21.30
C GLY A 49 -7.67 -22.70 -20.92
N ARG A 50 -7.55 -22.39 -19.63
CA ARG A 50 -7.03 -21.12 -19.18
C ARG A 50 -6.44 -21.29 -17.81
N PRO A 51 -5.41 -20.55 -17.40
CA PRO A 51 -5.03 -20.55 -15.99
C PRO A 51 -6.12 -19.85 -15.18
N LEU A 52 -6.70 -20.59 -14.22
CA LEU A 52 -7.75 -20.04 -13.37
C LEU A 52 -7.29 -20.05 -11.93
N GLU A 53 -7.73 -19.05 -11.18
CA GLU A 53 -7.44 -18.94 -9.75
C GLU A 53 -8.49 -19.74 -9.00
N LEU A 54 -8.10 -20.90 -8.46
CA LEU A 54 -9.05 -21.69 -7.69
C LEU A 54 -9.28 -21.12 -6.29
N GLY A 55 -8.37 -20.26 -5.82
CA GLY A 55 -8.56 -19.49 -4.62
C GLY A 55 -8.35 -18.01 -4.87
N ALA A 56 -7.28 -17.45 -4.26
CA ALA A 56 -7.03 -16.02 -4.33
C ALA A 56 -6.91 -15.51 -5.76
N THR A 57 -7.50 -14.32 -6.02
CA THR A 57 -7.51 -13.71 -7.35
C THR A 57 -7.11 -12.24 -7.42
N TRP A 58 -7.79 -11.36 -6.69
CA TRP A 58 -7.74 -9.91 -6.95
C TRP A 58 -6.77 -9.19 -6.01
N VAL A 59 -6.18 -8.08 -6.52
CA VAL A 59 -5.12 -7.32 -5.84
C VAL A 59 -5.35 -5.83 -6.06
N HIS A 60 -4.57 -4.99 -5.34
CA HIS A 60 -4.67 -3.54 -5.50
C HIS A 60 -3.44 -2.88 -4.89
N TRP A 61 -3.07 -1.71 -5.43
CA TRP A 61 -1.91 -1.00 -4.91
C TRP A 61 -2.15 -0.36 -3.54
N PHE A 62 -3.40 -0.27 -3.09
CA PHE A 62 -3.67 0.14 -1.71
C PHE A 62 -3.54 -1.02 -0.71
N GLN A 63 -3.10 -2.20 -1.15
CA GLN A 63 -2.76 -3.31 -0.27
C GLN A 63 -1.24 -3.37 -0.16
N ALA A 64 -0.71 -2.86 0.95
CA ALA A 64 0.73 -2.57 1.01
C ALA A 64 1.56 -3.83 0.80
N HIS A 65 1.20 -4.92 1.46
CA HIS A 65 2.03 -6.11 1.42
C HIS A 65 1.93 -6.82 0.08
N THR A 66 0.71 -7.00 -0.41
CA THR A 66 0.54 -7.58 -1.74
C THR A 66 1.24 -6.73 -2.80
N TRP A 67 1.05 -5.42 -2.77
CA TRP A 67 1.58 -4.58 -3.84
C TRP A 67 3.10 -4.60 -3.84
N THR A 68 3.74 -4.66 -2.66
CA THR A 68 5.21 -4.70 -2.68
C THR A 68 5.72 -5.99 -3.34
N GLU A 69 5.01 -7.11 -3.18
CA GLU A 69 5.44 -8.34 -3.84
C GLU A 69 5.19 -8.27 -5.34
N ILE A 70 4.07 -7.65 -5.75
CA ILE A 70 3.81 -7.44 -7.16
C ILE A 70 4.96 -6.64 -7.79
N MET A 71 5.42 -5.59 -7.10
CA MET A 71 6.54 -4.83 -7.62
C MET A 71 7.83 -5.64 -7.63
N ARG A 72 8.10 -6.34 -6.52
CA ARG A 72 9.31 -7.15 -6.38
C ARG A 72 9.46 -8.17 -7.49
N TYR A 73 8.38 -8.88 -7.85
CA TYR A 73 8.49 -10.01 -8.75
C TYR A 73 8.08 -9.66 -10.18
N GLY A 74 8.11 -8.39 -10.53
CA GLY A 74 8.01 -7.99 -11.92
C GLY A 74 6.61 -7.86 -12.47
N GLN A 75 5.60 -7.80 -11.61
CA GLN A 75 4.20 -7.84 -12.06
C GLN A 75 3.52 -6.47 -12.09
N ARG A 76 4.29 -5.38 -11.93
CA ARG A 76 3.75 -4.03 -11.83
C ARG A 76 2.72 -3.70 -12.91
N THR A 77 3.02 -4.02 -14.17
CA THR A 77 2.09 -3.74 -15.26
C THR A 77 1.33 -4.98 -15.69
N GLU A 78 1.46 -6.09 -14.98
CA GLU A 78 0.82 -7.34 -15.35
C GLU A 78 -0.48 -7.56 -14.58
N ILE A 79 -1.32 -6.53 -14.54
CA ILE A 79 -2.65 -6.60 -13.94
C ILE A 79 -3.68 -6.16 -14.96
N THR A 80 -4.86 -6.78 -14.88
CA THR A 80 -5.96 -6.52 -15.80
C THR A 80 -7.26 -6.45 -15.00
N ALA A 81 -8.08 -5.44 -15.30
CA ALA A 81 -9.36 -5.29 -14.61
C ALA A 81 -10.38 -6.32 -15.09
N SER A 82 -11.17 -6.82 -14.15
CA SER A 82 -12.27 -7.72 -14.49
C SER A 82 -13.30 -6.98 -15.35
N PRO A 83 -14.09 -7.72 -16.14
CA PRO A 83 -15.12 -7.08 -16.97
C PRO A 83 -16.10 -6.23 -16.18
N SER A 84 -16.41 -5.05 -16.71
CA SER A 84 -17.35 -4.12 -16.09
C SER A 84 -18.44 -3.77 -17.13
N GLY A 85 -19.40 -2.95 -16.70
CA GLY A 85 -20.51 -2.62 -17.59
C GLY A 85 -21.31 -3.84 -18.01
N ASN A 86 -21.45 -4.82 -17.12
CA ASN A 86 -22.19 -6.03 -17.42
C ASN A 86 -23.69 -5.77 -17.34
N ASP A 87 -24.47 -6.59 -18.04
CA ASP A 87 -25.91 -6.61 -17.84
C ASP A 87 -26.19 -7.29 -16.50
N ALA A 88 -26.85 -6.57 -15.60
CA ALA A 88 -27.02 -7.06 -14.23
C ALA A 88 -28.40 -7.65 -14.00
N HIS A 89 -28.45 -8.63 -13.10
CA HIS A 89 -29.68 -9.31 -12.72
C HIS A 89 -29.63 -9.52 -11.23
N TRP A 90 -30.75 -9.30 -10.54
CA TRP A 90 -30.77 -9.62 -9.14
C TRP A 90 -32.13 -10.18 -8.73
N VAL A 91 -32.10 -11.13 -7.82
CA VAL A 91 -33.30 -11.78 -7.31
C VAL A 91 -33.76 -11.02 -6.07
N THR A 92 -35.04 -10.67 -6.00
CA THR A 92 -35.36 -10.08 -4.70
C THR A 92 -36.45 -10.87 -3.99
N ASP A 93 -37.72 -10.56 -4.17
CA ASP A 93 -38.74 -11.38 -3.51
C ASP A 93 -39.13 -12.55 -4.42
N GLY A 94 -38.14 -13.38 -4.71
CA GLY A 94 -38.33 -14.53 -5.56
C GLY A 94 -38.38 -14.26 -7.05
N LYS A 95 -38.25 -13.00 -7.48
CA LYS A 95 -38.32 -12.64 -8.89
C LYS A 95 -37.00 -12.03 -9.32
N VAL A 96 -36.73 -12.09 -10.63
CA VAL A 96 -35.49 -11.57 -11.19
C VAL A 96 -35.74 -10.15 -11.72
N VAL A 97 -34.89 -9.22 -11.28
CA VAL A 97 -34.89 -7.85 -11.77
C VAL A 97 -33.69 -7.67 -12.68
N LYS A 98 -33.88 -7.00 -13.81
CA LYS A 98 -32.79 -6.70 -14.72
C LYS A 98 -32.40 -5.23 -14.60
N GLY A 99 -31.11 -4.96 -14.77
CA GLY A 99 -30.68 -3.58 -14.77
C GLY A 99 -29.22 -3.45 -15.18
N THR A 100 -28.74 -2.20 -15.13
CA THR A 100 -27.35 -1.97 -15.43
C THR A 100 -26.48 -2.25 -14.20
N GLU A 101 -25.20 -2.54 -14.46
CA GLU A 101 -24.28 -2.71 -13.35
C GLU A 101 -24.21 -1.43 -12.52
N ASP A 102 -24.32 -0.27 -13.18
CA ASP A 102 -24.38 1.01 -12.47
C ASP A 102 -25.60 1.10 -11.56
N ASP A 103 -26.76 0.61 -12.03
CA ASP A 103 -27.93 0.56 -11.17
C ASP A 103 -27.64 -0.19 -9.88
N LEU A 104 -27.09 -1.39 -10.02
CA LEU A 104 -26.80 -2.21 -8.84
C LEU A 104 -25.77 -1.54 -7.95
N ASP A 105 -24.71 -0.99 -8.56
CA ASP A 105 -23.67 -0.31 -7.79
C ASP A 105 -24.25 0.84 -6.97
N GLU A 106 -25.20 1.58 -7.54
CA GLU A 106 -25.77 2.71 -6.82
C GLU A 106 -26.54 2.26 -5.58
N LYS A 107 -27.28 1.14 -5.69
CA LYS A 107 -28.01 0.65 -4.54
C LYS A 107 -27.06 0.19 -3.45
N LEU A 108 -26.02 -0.56 -3.82
CA LEU A 108 -25.05 -1.02 -2.84
C LEU A 108 -24.32 0.16 -2.20
N THR A 109 -24.03 1.20 -2.98
CA THR A 109 -23.34 2.36 -2.42
C THR A 109 -24.16 3.00 -1.30
N ALA A 110 -25.47 3.19 -1.53
CA ALA A 110 -26.34 3.71 -0.49
C ALA A 110 -26.34 2.82 0.74
N ALA A 111 -26.47 1.51 0.55
CA ALA A 111 -26.48 0.62 1.70
C ALA A 111 -25.14 0.60 2.43
N MET A 112 -24.03 0.76 1.71
CA MET A 112 -22.73 0.74 2.36
C MET A 112 -22.55 1.95 3.25
N GLY A 113 -23.11 3.09 2.86
CA GLY A 113 -23.01 4.28 3.70
C GLY A 113 -23.54 4.02 5.09
N VAL A 114 -24.65 3.30 5.19
CA VAL A 114 -25.17 2.94 6.51
C VAL A 114 -24.32 1.84 7.13
N THR A 115 -23.88 0.89 6.31
CA THR A 115 -23.12 -0.26 6.83
C THR A 115 -21.81 0.18 7.46
N TYR A 116 -21.17 1.19 6.87
CA TYR A 116 -19.89 1.70 7.36
C TYR A 116 -20.11 2.81 8.39
N GLU A 117 -21.35 2.95 8.85
CA GLU A 117 -21.67 3.96 9.84
C GLU A 117 -21.08 3.62 11.20
N GLY A 118 -19.94 4.23 11.51
CA GLY A 118 -19.26 3.99 12.77
C GLY A 118 -17.81 3.60 12.58
N SER A 119 -17.32 3.72 11.36
CA SER A 119 -15.92 3.38 11.05
C SER A 119 -14.97 4.52 11.35
N GLU A 120 -15.40 5.78 11.22
CA GLU A 120 -14.47 6.87 11.48
C GLU A 120 -14.18 7.02 12.98
N GLU A 121 -15.14 6.63 13.83
CA GLU A 121 -14.88 6.66 15.27
C GLU A 121 -14.15 5.42 15.74
N TYR A 122 -14.38 4.27 15.11
CA TYR A 122 -13.72 3.04 15.54
C TYR A 122 -12.29 2.95 14.99
N PHE A 123 -12.08 3.41 13.76
CA PHE A 123 -10.89 3.05 13.00
C PHE A 123 -10.17 4.25 12.41
N PRO A 124 -9.85 5.27 13.23
CA PRO A 124 -9.02 6.36 12.68
C PRO A 124 -7.72 5.85 12.06
N ASN A 125 -7.07 4.88 12.71
CA ASN A 125 -6.01 4.10 12.10
C ASN A 125 -6.64 2.75 11.75
N PRO A 126 -6.94 2.48 10.47
CA PRO A 126 -7.66 1.24 10.15
C PRO A 126 -6.81 0.00 10.34
N HIS A 127 -5.53 0.16 10.65
CA HIS A 127 -4.66 -0.96 10.95
C HIS A 127 -4.49 -1.15 12.46
N ASP A 128 -5.28 -0.44 13.26
CA ASP A 128 -5.39 -0.67 14.70
C ASP A 128 -6.86 -1.01 15.00
N PRO A 129 -7.31 -2.20 14.60
CA PRO A 129 -8.76 -2.49 14.66
C PRO A 129 -9.31 -2.58 16.07
N LEU A 130 -8.48 -2.86 17.09
CA LEU A 130 -8.99 -2.97 18.45
C LEU A 130 -8.67 -1.74 19.29
N TRP A 131 -8.41 -0.60 18.65
CA TRP A 131 -8.07 0.62 19.37
C TRP A 131 -9.15 1.01 20.38
N VAL A 132 -10.43 0.84 20.01
CA VAL A 132 -11.54 1.22 20.89
C VAL A 132 -11.46 0.51 22.24
N LEU A 133 -10.93 -0.72 22.25
CA LEU A 133 -10.84 -1.51 23.47
C LEU A 133 -9.51 -1.34 24.20
N SER A 134 -8.61 -0.51 23.67
CA SER A 134 -7.31 -0.31 24.26
C SER A 134 -7.38 0.73 25.37
N ASP A 135 -6.32 0.79 26.18
CA ASP A 135 -6.20 1.82 27.19
C ASP A 135 -5.82 3.18 26.61
N ASP A 136 -5.42 3.24 25.35
CA ASP A 136 -5.20 4.50 24.66
C ASP A 136 -6.50 5.13 24.15
N PHE A 137 -7.59 4.37 24.09
CA PHE A 137 -8.86 4.90 23.63
C PHE A 137 -9.28 6.09 24.49
N ASP A 138 -9.48 7.23 23.83
CA ASP A 138 -9.86 8.47 24.52
C ASP A 138 -11.20 9.01 24.05
N GLY A 139 -12.02 8.16 23.44
CA GLY A 139 -13.31 8.59 22.95
C GLY A 139 -14.40 8.39 23.99
N PRO A 140 -15.64 8.69 23.62
CA PRO A 140 -16.76 8.54 24.55
C PRO A 140 -17.03 7.08 24.86
N ALA A 141 -17.43 6.80 26.10
CA ALA A 141 -17.75 5.43 26.49
C ALA A 141 -18.82 4.84 25.59
N GLU A 142 -19.71 5.67 25.04
CA GLU A 142 -20.76 5.20 24.15
C GLU A 142 -20.19 4.57 22.88
N VAL A 143 -19.06 5.09 22.40
CA VAL A 143 -18.43 4.51 21.21
C VAL A 143 -17.97 3.09 21.49
N ARG A 144 -17.40 2.86 22.68
CA ARG A 144 -17.00 1.50 23.05
C ARG A 144 -18.22 0.58 23.16
N GLU A 145 -19.31 1.09 23.74
CA GLU A 145 -20.53 0.28 23.84
C GLU A 145 -21.05 -0.08 22.45
N ARG A 146 -21.07 0.88 21.53
CA ARG A 146 -21.55 0.62 20.18
C ARG A 146 -20.64 -0.35 19.44
N PHE A 147 -19.32 -0.19 19.61
CA PHE A 147 -18.34 -1.11 19.05
C PHE A 147 -18.65 -2.55 19.45
N LEU A 148 -18.80 -2.77 20.76
CA LEU A 148 -19.06 -4.12 21.25
C LEU A 148 -20.40 -4.64 20.75
N SER A 149 -21.43 -3.79 20.71
CA SER A 149 -22.72 -4.21 20.17
C SER A 149 -22.62 -4.59 18.70
N ASP A 150 -21.81 -3.86 17.92
CA ASP A 150 -21.71 -4.14 16.50
C ASP A 150 -21.07 -5.49 16.23
N ASP A 151 -20.23 -5.98 17.15
CA ASP A 151 -19.69 -7.33 17.00
C ASP A 151 -20.78 -8.39 17.09
N GLN A 152 -21.93 -8.05 17.67
CA GLN A 152 -23.02 -9.00 17.84
C GLN A 152 -24.16 -8.77 16.86
N THR A 153 -23.94 -7.93 15.85
CA THR A 153 -24.92 -7.59 14.84
C THR A 153 -24.39 -8.01 13.48
N ASN A 154 -25.23 -8.60 12.63
CA ASN A 154 -24.76 -8.90 11.29
C ASN A 154 -24.92 -7.68 10.38
N ALA A 155 -24.27 -7.73 9.22
CA ALA A 155 -24.25 -6.57 8.33
C ALA A 155 -25.59 -6.33 7.67
N ILE A 156 -26.40 -7.37 7.49
CA ILE A 156 -27.67 -7.17 6.81
C ILE A 156 -28.67 -6.46 7.73
N ASP A 157 -28.66 -6.79 9.01
CA ASP A 157 -29.60 -6.16 9.94
C ASP A 157 -29.36 -4.65 10.02
N LEU A 158 -28.12 -4.20 9.84
CA LEU A 158 -27.87 -2.75 9.78
C LEU A 158 -28.68 -2.11 8.68
N VAL A 159 -28.77 -2.77 7.53
CA VAL A 159 -29.50 -2.22 6.39
C VAL A 159 -31.01 -2.32 6.62
N LYS A 160 -31.46 -3.43 7.24
CA LYS A 160 -32.87 -3.58 7.57
C LYS A 160 -33.32 -2.49 8.55
N GLU A 161 -32.58 -2.34 9.65
CA GLU A 161 -32.94 -1.37 10.66
C GLU A 161 -32.92 0.06 10.15
N ALA A 162 -32.19 0.34 9.06
CA ALA A 162 -32.19 1.70 8.51
C ALA A 162 -33.41 1.98 7.65
N GLY A 163 -34.23 0.96 7.35
CA GLY A 163 -35.45 1.16 6.59
C GLY A 163 -35.34 0.98 5.09
N PHE A 164 -34.26 0.38 4.60
CA PHE A 164 -34.15 0.10 3.18
C PHE A 164 -35.22 -0.90 2.75
N ASP A 165 -35.58 -0.86 1.46
CA ASP A 165 -36.64 -1.73 0.99
C ASP A 165 -36.12 -3.15 0.75
N GLN A 166 -37.05 -4.05 0.46
CA GLN A 166 -36.69 -5.46 0.34
C GLN A 166 -35.73 -5.69 -0.82
N GLU A 167 -35.86 -4.91 -1.89
CA GLU A 167 -34.94 -5.07 -3.02
C GLU A 167 -33.49 -4.80 -2.60
N THR A 168 -33.27 -3.75 -1.80
CA THR A 168 -31.92 -3.45 -1.34
C THR A 168 -31.44 -4.48 -0.31
N ILE A 169 -32.36 -4.95 0.53
CA ILE A 169 -32.00 -5.98 1.51
C ILE A 169 -31.55 -7.24 0.80
N ASP A 170 -32.27 -7.64 -0.25
CA ASP A 170 -31.91 -8.84 -1.00
C ASP A 170 -30.57 -8.66 -1.71
N LEU A 171 -30.27 -7.44 -2.18
CA LEU A 171 -28.98 -7.20 -2.82
C LEU A 171 -27.85 -7.31 -1.82
N VAL A 172 -28.05 -6.75 -0.63
CA VAL A 172 -27.02 -6.74 0.40
C VAL A 172 -26.84 -8.14 0.98
N ASP A 173 -27.94 -8.89 1.09
CA ASP A 173 -27.88 -10.29 1.49
C ASP A 173 -27.00 -11.06 0.51
N ALA A 174 -27.29 -10.93 -0.78
CA ALA A 174 -26.44 -11.55 -1.80
C ALA A 174 -24.99 -11.11 -1.67
N PHE A 175 -24.78 -9.79 -1.55
CA PHE A 175 -23.43 -9.25 -1.49
C PHE A 175 -22.63 -9.86 -0.36
N TRP A 176 -23.23 -9.97 0.83
CA TRP A 176 -22.49 -10.46 1.99
C TRP A 176 -22.47 -11.99 2.10
N CYS A 177 -23.37 -12.71 1.42
CA CYS A 177 -23.15 -14.13 1.21
C CYS A 177 -21.80 -14.37 0.56
N ALA A 178 -21.47 -13.55 -0.44
CA ALA A 178 -20.18 -13.64 -1.10
C ALA A 178 -19.06 -13.11 -0.20
N GLY A 179 -19.26 -11.94 0.41
CA GLY A 179 -18.16 -11.34 1.16
C GLY A 179 -17.79 -12.08 2.43
N TYR A 180 -18.80 -12.62 3.12
CA TYR A 180 -18.58 -13.34 4.36
C TYR A 180 -18.37 -14.84 4.13
N ILE A 181 -18.24 -15.21 2.86
CA ILE A 181 -18.02 -16.61 2.43
C ILE A 181 -18.79 -17.68 3.22
N GLY A 182 -20.10 -17.48 3.37
CA GLY A 182 -20.94 -18.40 4.09
C GLY A 182 -22.27 -17.77 4.42
N ASP A 183 -22.75 -17.98 5.64
CA ASP A 183 -24.04 -17.40 6.05
C ASP A 183 -23.80 -15.99 6.63
N PRO A 184 -24.24 -14.92 5.96
CA PRO A 184 -23.94 -13.58 6.48
C PRO A 184 -24.71 -13.26 7.74
N TYR A 185 -25.79 -13.97 8.02
CA TYR A 185 -26.59 -13.63 9.19
C TYR A 185 -25.93 -14.03 10.49
N THR A 186 -24.96 -14.95 10.44
CA THR A 186 -24.16 -15.29 11.62
C THR A 186 -22.91 -14.43 11.75
N GLY A 187 -22.66 -13.51 10.81
CA GLY A 187 -21.41 -12.76 10.77
C GLY A 187 -21.39 -11.51 11.64
N SER A 188 -20.18 -11.04 11.91
CA SER A 188 -19.97 -9.81 12.66
C SER A 188 -19.91 -8.59 11.72
N ALA A 189 -20.78 -7.62 11.98
CA ALA A 189 -20.78 -6.41 11.14
C ALA A 189 -19.48 -5.63 11.25
N LEU A 190 -18.71 -5.80 12.34
CA LEU A 190 -17.45 -5.08 12.43
C LEU A 190 -16.49 -5.46 11.30
N MET A 191 -16.59 -6.68 10.76
CA MET A 191 -15.73 -7.02 9.62
C MET A 191 -16.01 -6.08 8.46
N ALA A 192 -17.28 -5.86 8.15
CA ALA A 192 -17.65 -4.97 7.05
C ALA A 192 -17.23 -3.53 7.33
N LYS A 193 -17.39 -3.08 8.57
CA LYS A 193 -16.98 -1.71 8.90
C LYS A 193 -15.47 -1.54 8.75
N GLN A 194 -14.67 -2.58 9.08
CA GLN A 194 -13.23 -2.41 8.89
C GLN A 194 -12.85 -2.43 7.42
N TRP A 195 -13.57 -3.23 6.61
CA TRP A 195 -13.33 -3.17 5.17
C TRP A 195 -13.58 -1.76 4.66
N GLY A 196 -14.66 -1.13 5.13
CA GLY A 196 -14.90 0.26 4.79
C GLY A 196 -13.72 1.15 5.19
N ALA A 197 -13.23 0.97 6.42
CA ALA A 197 -12.17 1.83 6.94
C ALA A 197 -10.89 1.70 6.14
N LEU A 198 -10.60 0.50 5.65
CA LEU A 198 -9.44 0.24 4.81
C LEU A 198 -9.65 0.71 3.36
N SER A 199 -10.85 1.15 3.00
CA SER A 199 -11.21 1.54 1.65
C SER A 199 -11.71 2.98 1.60
N ASP A 200 -11.19 3.84 2.48
CA ASP A 200 -11.58 5.24 2.56
C ASP A 200 -13.10 5.40 2.71
N ASN A 201 -13.75 4.40 3.34
CA ASN A 201 -15.19 4.41 3.60
C ASN A 201 -16.02 4.68 2.35
N ARG A 202 -15.58 4.13 1.22
CA ARG A 202 -16.32 4.28 -0.03
C ARG A 202 -16.48 2.94 -0.72
N TYR A 203 -17.73 2.59 -1.05
CA TYR A 203 -18.02 1.33 -1.72
C TYR A 203 -17.14 1.09 -2.94
N ARG A 204 -17.01 2.10 -3.80
CA ARG A 204 -16.29 1.87 -5.05
C ARG A 204 -14.83 1.54 -4.79
N VAL A 205 -14.21 2.17 -3.80
CA VAL A 205 -12.84 1.84 -3.47
C VAL A 205 -12.75 0.42 -2.91
N MET A 206 -13.71 0.05 -2.06
CA MET A 206 -13.70 -1.31 -1.50
C MET A 206 -13.79 -2.34 -2.62
N GLU A 207 -14.65 -2.09 -3.62
CA GLU A 207 -14.73 -3.00 -4.75
C GLU A 207 -13.47 -2.94 -5.61
N ASP A 208 -12.89 -1.75 -5.76
CA ASP A 208 -11.64 -1.63 -6.50
C ASP A 208 -10.55 -2.48 -5.86
N ILE A 209 -10.52 -2.54 -4.53
CA ILE A 209 -9.45 -3.23 -3.82
C ILE A 209 -9.64 -4.74 -3.85
N THR A 210 -10.90 -5.21 -3.77
CA THR A 210 -11.16 -6.64 -3.54
C THR A 210 -11.64 -7.41 -4.77
N LEU A 211 -12.12 -6.74 -5.82
CA LEU A 211 -12.84 -7.43 -6.87
C LEU A 211 -12.59 -6.82 -8.25
N LYS A 212 -11.45 -6.18 -8.47
CA LYS A 212 -11.23 -5.53 -9.75
C LYS A 212 -10.01 -6.05 -10.49
N TRP A 213 -8.80 -5.94 -9.91
CA TRP A 213 -7.56 -6.18 -10.64
C TRP A 213 -7.06 -7.60 -10.43
N LYS A 214 -6.88 -8.32 -11.54
CA LYS A 214 -6.35 -9.68 -11.56
C LYS A 214 -4.90 -9.69 -12.00
N LEU A 215 -4.13 -10.67 -11.51
CA LEU A 215 -2.77 -10.89 -11.98
C LEU A 215 -2.76 -11.68 -13.29
N ASN A 216 -2.19 -11.08 -14.34
CA ASN A 216 -2.12 -11.77 -15.63
C ASN A 216 -1.42 -13.11 -15.51
N ASN A 217 -0.37 -13.17 -14.68
CA ASN A 217 0.43 -14.37 -14.48
C ASN A 217 0.07 -15.10 -13.20
N GLY A 218 -1.05 -14.73 -12.58
CA GLY A 218 -1.60 -15.46 -11.47
C GLY A 218 -0.90 -15.19 -10.14
N MET A 219 -1.58 -15.57 -9.07
CA MET A 219 -0.94 -15.57 -7.75
C MET A 219 0.33 -16.40 -7.77
N ARG A 220 0.40 -17.42 -8.63
CA ARG A 220 1.60 -18.23 -8.69
C ARG A 220 2.83 -17.41 -9.06
N SER A 221 2.68 -16.31 -9.80
CA SER A 221 3.89 -15.53 -10.08
C SER A 221 4.46 -14.96 -8.80
N LEU A 222 3.60 -14.69 -7.81
CA LEU A 222 4.08 -14.19 -6.52
C LEU A 222 4.55 -15.33 -5.61
N TYR A 223 3.76 -16.40 -5.47
CA TYR A 223 4.23 -17.40 -4.51
C TYR A 223 5.41 -18.21 -5.05
N ASP A 224 5.47 -18.45 -6.36
CA ASP A 224 6.68 -19.05 -6.91
C ASP A 224 7.85 -18.07 -6.84
N GLY A 225 7.57 -16.77 -6.93
CA GLY A 225 8.65 -15.80 -6.77
C GLY A 225 9.27 -15.86 -5.39
N ILE A 226 8.44 -15.88 -4.35
CA ILE A 226 8.96 -15.95 -2.99
C ILE A 226 9.71 -17.26 -2.80
N ALA A 227 9.12 -18.38 -3.24
CA ALA A 227 9.78 -19.67 -3.10
C ALA A 227 11.14 -19.69 -3.80
N GLY A 228 11.23 -19.05 -4.97
CA GLY A 228 12.48 -19.00 -5.71
C GLY A 228 13.58 -18.25 -5.00
N ASP A 229 13.22 -17.37 -4.05
CA ASP A 229 14.22 -16.65 -3.27
C ASP A 229 14.77 -17.47 -2.12
N LEU A 230 14.09 -18.54 -1.72
CA LEU A 230 14.44 -19.29 -0.53
C LEU A 230 15.63 -20.20 -0.79
N ASN A 231 16.62 -20.16 0.11
CA ASN A 231 17.81 -20.98 -0.05
C ASN A 231 17.69 -22.34 0.61
N THR A 232 16.53 -22.63 1.22
CA THR A 232 16.26 -23.90 1.86
C THR A 232 15.08 -24.57 1.16
N ASP A 233 15.27 -25.78 0.68
CA ASP A 233 14.21 -26.51 -0.02
C ASP A 233 13.00 -26.69 0.88
N ILE A 234 11.82 -26.48 0.32
CA ILE A 234 10.57 -26.75 1.03
C ILE A 234 10.31 -28.24 1.04
N ARG A 235 9.90 -28.77 2.19
CA ARG A 235 9.56 -30.19 2.31
C ARG A 235 8.08 -30.37 2.04
N LEU A 236 7.77 -30.76 0.80
CA LEU A 236 6.40 -31.10 0.42
C LEU A 236 6.02 -32.48 0.95
N ASN A 237 4.71 -32.76 0.89
CA ASN A 237 4.19 -34.07 1.31
C ASN A 237 4.62 -34.43 2.73
N THR A 238 4.75 -33.42 3.59
CA THR A 238 5.24 -33.59 4.96
C THR A 238 4.26 -32.93 5.90
N PRO A 239 3.10 -33.54 6.12
CA PRO A 239 2.13 -32.98 7.06
C PRO A 239 2.64 -33.09 8.49
N VAL A 240 2.40 -32.03 9.26
CA VAL A 240 2.74 -32.01 10.68
C VAL A 240 1.55 -32.57 11.45
N ALA A 241 1.80 -33.49 12.38
CA ALA A 241 0.75 -34.08 13.19
C ALA A 241 0.75 -33.63 14.64
N LYS A 242 1.89 -33.18 15.17
CA LYS A 242 2.00 -32.78 16.57
C LYS A 242 2.97 -31.62 16.70
N VAL A 243 2.66 -30.69 17.60
CA VAL A 243 3.55 -29.58 17.93
C VAL A 243 3.72 -29.55 19.43
N GLU A 244 4.93 -29.80 19.90
CA GLU A 244 5.29 -29.59 21.29
C GLU A 244 6.00 -28.25 21.40
N HIS A 245 5.55 -27.41 22.33
CA HIS A 245 6.10 -26.07 22.44
C HIS A 245 6.37 -25.75 23.90
N ALA A 250 11.19 -26.27 20.87
CA ALA A 250 9.92 -26.89 20.53
C ALA A 250 10.24 -28.17 19.76
N THR A 251 9.19 -28.93 19.46
CA THR A 251 9.32 -30.18 18.73
C THR A 251 8.12 -30.28 17.78
N VAL A 252 8.38 -30.77 16.57
CA VAL A 252 7.35 -31.00 15.57
C VAL A 252 7.40 -32.45 15.15
N THR A 253 6.26 -33.15 15.20
CA THR A 253 6.18 -34.51 14.73
C THR A 253 5.36 -34.58 13.44
N THR A 254 5.94 -35.19 12.41
CA THR A 254 5.21 -35.36 11.15
C THR A 254 4.30 -36.57 11.23
N GLU A 255 3.45 -36.71 10.21
CA GLU A 255 2.55 -37.85 10.16
C GLU A 255 3.32 -39.17 10.08
N SER A 256 4.51 -39.16 9.50
CA SER A 256 5.32 -40.37 9.39
C SER A 256 6.04 -40.71 10.68
N GLY A 257 6.06 -39.80 11.65
CA GLY A 257 6.70 -40.05 12.94
C GLY A 257 8.01 -39.30 13.16
N GLU A 258 8.51 -38.57 12.16
CA GLU A 258 9.74 -37.80 12.33
C GLU A 258 9.54 -36.64 13.28
N VAL A 259 10.56 -36.33 14.08
CA VAL A 259 10.38 -35.52 15.29
C VAL A 259 10.96 -34.10 15.24
N ILE A 260 11.82 -33.77 14.27
CA ILE A 260 12.35 -32.42 14.00
C ILE A 260 12.35 -31.44 15.17
N GLU A 261 13.51 -31.21 15.79
CA GLU A 261 13.59 -30.25 16.88
C GLU A 261 13.73 -28.82 16.36
N ALA A 262 13.16 -27.88 17.10
CA ALA A 262 13.00 -26.51 16.61
C ALA A 262 13.23 -25.51 17.73
N SER A 263 13.75 -24.35 17.35
CA SER A 263 13.84 -23.23 18.28
C SER A 263 12.51 -22.53 18.43
N ALA A 264 11.74 -22.45 17.35
CA ALA A 264 10.42 -21.85 17.36
C ALA A 264 9.62 -22.49 16.24
N VAL A 265 8.30 -22.43 16.38
CA VAL A 265 7.37 -22.92 15.36
C VAL A 265 6.47 -21.78 14.93
N ILE A 266 6.40 -21.53 13.62
CA ILE A 266 5.45 -20.61 13.03
C ILE A 266 4.39 -21.46 12.32
N CYS A 267 3.19 -21.52 12.90
CA CYS A 267 2.11 -22.36 12.38
C CYS A 267 1.16 -21.51 11.53
N THR A 268 1.11 -21.81 10.23
CA THR A 268 0.23 -21.09 9.32
C THR A 268 -1.01 -21.90 8.94
N VAL A 269 -1.17 -23.08 9.52
CA VAL A 269 -2.36 -23.90 9.28
C VAL A 269 -3.60 -23.13 9.70
N PRO A 270 -4.61 -23.01 8.83
CA PRO A 270 -5.79 -22.23 9.22
C PRO A 270 -6.68 -22.98 10.20
N VAL A 271 -7.56 -22.21 10.83
CA VAL A 271 -8.45 -22.72 11.87
C VAL A 271 -9.20 -23.97 11.41
N GLY A 272 -9.67 -23.97 10.16
CA GLY A 272 -10.44 -25.10 9.66
C GLY A 272 -9.67 -26.40 9.55
N ALA A 273 -8.35 -26.35 9.72
CA ALA A 273 -7.49 -27.52 9.62
C ALA A 273 -6.64 -27.72 10.87
N LEU A 274 -6.83 -26.91 11.91
CA LEU A 274 -5.97 -27.02 13.09
C LEU A 274 -6.27 -28.26 13.92
N SER A 275 -7.47 -28.82 13.81
CA SER A 275 -7.77 -30.03 14.54
C SER A 275 -6.99 -31.24 14.04
N ASN A 276 -6.26 -31.12 12.92
CA ASN A 276 -5.38 -32.19 12.48
C ASN A 276 -4.10 -32.28 13.31
N ILE A 277 -3.79 -31.27 14.11
CA ILE A 277 -2.53 -31.17 14.83
C ILE A 277 -2.82 -31.28 16.32
N GLU A 278 -2.04 -32.11 17.00
CA GLU A 278 -2.10 -32.21 18.45
C GLU A 278 -1.08 -31.27 19.06
N PHE A 279 -1.54 -30.35 19.89
CA PHE A 279 -0.68 -29.36 20.53
C PHE A 279 -0.43 -29.75 21.98
N SER A 280 0.84 -29.74 22.39
CA SER A 280 1.22 -30.01 23.76
C SER A 280 2.21 -28.93 24.21
N PRO A 281 1.84 -28.06 25.16
CA PRO A 281 0.54 -28.06 25.85
C PRO A 281 -0.64 -27.67 24.97
N ALA A 282 -1.84 -27.92 25.47
CA ALA A 282 -3.05 -27.55 24.77
C ALA A 282 -3.10 -26.05 24.53
N LEU A 283 -3.76 -25.65 23.45
CA LEU A 283 -3.89 -24.24 23.16
C LEU A 283 -4.81 -23.57 24.20
N PRO A 284 -4.66 -22.26 24.41
CA PRO A 284 -5.50 -21.56 25.38
C PRO A 284 -6.98 -21.83 25.10
N ASP A 285 -7.79 -21.83 26.16
CA ASP A 285 -9.20 -22.16 26.01
C ASP A 285 -9.90 -21.23 25.03
N ALA A 286 -9.57 -19.93 25.06
CA ALA A 286 -10.23 -18.98 24.17
C ALA A 286 -9.88 -19.23 22.72
N VAL A 287 -8.67 -19.73 22.45
CA VAL A 287 -8.29 -20.10 21.09
C VAL A 287 -8.99 -21.38 20.69
N GLN A 288 -9.10 -22.35 21.60
CA GLN A 288 -9.80 -23.59 21.29
C GLN A 288 -11.26 -23.34 20.93
N SER A 289 -11.89 -22.37 21.59
CA SER A 289 -13.29 -22.08 21.28
C SER A 289 -13.44 -21.57 19.85
N VAL A 290 -12.50 -20.74 19.39
CA VAL A 290 -12.53 -20.27 18.01
C VAL A 290 -12.39 -21.43 17.04
N ILE A 291 -11.43 -22.32 17.32
CA ILE A 291 -11.23 -23.49 16.46
C ILE A 291 -12.49 -24.35 16.42
N ASP A 292 -13.08 -24.56 17.58
CA ASP A 292 -14.30 -25.36 17.67
C ASP A 292 -15.42 -24.72 16.86
N ASP A 293 -15.47 -23.39 16.88
CA ASP A 293 -16.47 -22.65 16.13
C ASP A 293 -15.89 -22.11 14.82
N LYS A 294 -14.60 -22.32 14.63
CA LYS A 294 -13.88 -21.86 13.43
C LYS A 294 -14.14 -20.39 13.11
N TRP A 295 -14.32 -20.11 11.82
CA TRP A 295 -14.57 -18.74 11.37
C TRP A 295 -15.74 -18.70 10.39
N ASN A 296 -15.94 -17.56 9.75
CA ASN A 296 -17.01 -17.41 8.78
C ASN A 296 -16.53 -17.65 7.36
N SER A 297 -16.48 -18.93 6.97
CA SER A 297 -16.03 -19.29 5.63
C SER A 297 -16.49 -20.69 5.22
N GLN A 298 -17.80 -20.89 5.19
CA GLN A 298 -18.36 -22.18 4.79
C GLN A 298 -18.74 -22.27 3.31
N GLY A 299 -18.47 -21.22 2.55
CA GLY A 299 -18.96 -21.12 1.18
C GLY A 299 -17.99 -21.68 0.17
N ALA A 300 -18.16 -21.26 -1.08
CA ALA A 300 -17.39 -21.87 -2.17
C ALA A 300 -17.29 -20.92 -3.36
N LYS A 301 -16.27 -21.15 -4.18
CA LYS A 301 -16.01 -20.38 -5.39
C LYS A 301 -16.03 -21.30 -6.61
N ILE A 302 -16.84 -20.93 -7.62
CA ILE A 302 -17.04 -21.73 -8.83
C ILE A 302 -16.55 -20.95 -10.03
N TRP A 303 -16.15 -21.69 -11.07
CA TRP A 303 -15.87 -21.15 -12.40
C TRP A 303 -16.79 -21.86 -13.38
N ILE A 304 -17.64 -21.10 -14.08
CA ILE A 304 -18.67 -21.67 -14.95
C ILE A 304 -18.40 -21.21 -16.38
N LYS A 305 -18.51 -22.13 -17.35
CA LYS A 305 -18.33 -21.77 -18.76
C LYS A 305 -19.65 -21.92 -19.50
N ILE A 306 -20.10 -20.84 -20.15
CA ILE A 306 -21.35 -20.85 -20.92
C ILE A 306 -21.06 -20.59 -22.39
N LYS A 307 -21.99 -20.99 -23.24
CA LYS A 307 -21.87 -20.70 -24.66
C LYS A 307 -22.06 -19.21 -24.92
N GLY A 308 -21.32 -18.70 -25.89
CA GLY A 308 -21.43 -17.32 -26.31
C GLY A 308 -20.58 -16.40 -25.47
N HIS A 309 -20.49 -15.16 -25.94
CA HIS A 309 -19.82 -14.09 -25.20
C HIS A 309 -20.91 -13.26 -24.55
N HIS A 310 -21.00 -13.32 -23.22
CA HIS A 310 -22.04 -12.62 -22.50
C HIS A 310 -21.44 -11.82 -21.35
N ARG A 311 -21.78 -10.54 -21.29
CA ARG A 311 -21.37 -9.66 -20.20
C ARG A 311 -22.46 -9.72 -19.15
N PHE A 312 -22.23 -10.51 -18.10
CA PHE A 312 -23.27 -10.91 -17.17
C PHE A 312 -22.85 -10.62 -15.73
N LEU A 313 -23.80 -10.14 -14.93
CA LEU A 313 -23.63 -10.01 -13.49
C LEU A 313 -24.92 -10.46 -12.81
N GLY A 314 -24.80 -11.34 -11.83
CA GLY A 314 -25.99 -11.83 -11.17
C GLY A 314 -25.85 -11.85 -9.66
N TYR A 315 -26.86 -11.35 -8.95
CA TYR A 315 -26.95 -11.39 -7.50
C TYR A 315 -28.16 -12.20 -7.06
N ALA A 316 -27.99 -13.03 -6.03
CA ALA A 316 -29.13 -13.75 -5.44
C ALA A 316 -28.89 -13.97 -3.96
N PRO A 317 -29.91 -13.82 -3.12
CA PRO A 317 -29.71 -13.94 -1.68
C PRO A 317 -29.70 -15.40 -1.21
N LYS A 318 -29.25 -15.56 0.03
CA LYS A 318 -29.35 -16.86 0.70
C LYS A 318 -30.77 -17.41 0.54
N PRO A 319 -30.95 -18.71 0.27
CA PRO A 319 -29.96 -19.80 0.23
C PRO A 319 -29.50 -20.21 -1.17
N ALA A 320 -29.36 -19.26 -2.09
CA ALA A 320 -29.01 -19.64 -3.45
C ALA A 320 -27.69 -20.38 -3.51
N LYS A 321 -27.55 -21.24 -4.53
CA LYS A 321 -26.29 -21.96 -4.74
C LYS A 321 -25.14 -20.99 -4.93
N MET A 322 -25.33 -19.95 -5.73
CA MET A 322 -24.36 -18.87 -5.84
C MET A 322 -25.04 -17.53 -5.66
N SER A 323 -24.38 -16.62 -4.94
CA SER A 323 -24.94 -15.31 -4.63
C SER A 323 -24.40 -14.18 -5.50
N VAL A 324 -23.16 -14.26 -5.97
CA VAL A 324 -22.59 -13.27 -6.88
C VAL A 324 -21.89 -14.03 -8.00
N VAL A 325 -22.30 -13.78 -9.24
CA VAL A 325 -21.72 -14.41 -10.42
C VAL A 325 -21.42 -13.32 -11.44
N ARG A 326 -20.22 -13.34 -12.01
CA ARG A 326 -19.82 -12.28 -12.93
C ARG A 326 -18.94 -12.84 -14.04
N SER A 327 -19.17 -12.33 -15.26
CA SER A 327 -18.30 -12.64 -16.38
C SER A 327 -16.85 -12.27 -16.06
N GLU A 328 -15.91 -13.16 -16.45
CA GLU A 328 -14.50 -12.84 -16.20
C GLU A 328 -13.61 -12.98 -17.42
N TYR A 329 -13.85 -13.96 -18.29
CA TYR A 329 -13.03 -14.16 -19.48
C TYR A 329 -13.91 -14.49 -20.68
N PHE A 330 -13.58 -13.90 -21.81
CA PHE A 330 -14.25 -14.19 -23.07
C PHE A 330 -13.29 -15.02 -23.92
N MET A 331 -13.58 -16.31 -24.04
CA MET A 331 -12.66 -17.28 -24.59
C MET A 331 -12.73 -17.31 -26.11
N ASP A 332 -11.66 -17.84 -26.71
CA ASP A 332 -11.50 -17.85 -28.16
C ASP A 332 -12.41 -18.83 -28.87
N ASP A 333 -13.10 -19.73 -28.16
CA ASP A 333 -14.04 -20.65 -28.78
C ASP A 333 -15.49 -20.20 -28.59
N ASP A 334 -15.71 -18.89 -28.47
CA ASP A 334 -17.04 -18.31 -28.29
C ASP A 334 -17.73 -18.86 -27.04
N THR A 335 -17.00 -18.84 -25.93
CA THR A 335 -17.57 -19.16 -24.63
C THR A 335 -17.16 -18.07 -23.65
N THR A 336 -17.88 -18.02 -22.53
CA THR A 336 -17.59 -17.08 -21.45
C THR A 336 -17.36 -17.86 -20.17
N ILE A 337 -16.27 -17.54 -19.47
CA ILE A 337 -16.01 -18.08 -18.13
C ILE A 337 -16.44 -17.03 -17.12
N LEU A 338 -17.30 -17.44 -16.19
CA LEU A 338 -17.83 -16.60 -15.14
C LEU A 338 -17.32 -17.11 -13.79
N VAL A 339 -17.10 -16.21 -12.84
CA VAL A 339 -16.75 -16.60 -11.48
C VAL A 339 -18.01 -16.51 -10.63
N GLY A 340 -18.10 -17.34 -9.60
CA GLY A 340 -19.22 -17.27 -8.67
C GLY A 340 -18.78 -17.50 -7.24
N PHE A 341 -19.46 -16.82 -6.31
CA PHE A 341 -19.28 -17.05 -4.88
C PHE A 341 -20.62 -17.41 -4.26
N GLY A 342 -20.61 -18.50 -3.46
CA GLY A 342 -21.81 -18.95 -2.79
C GLY A 342 -21.57 -19.19 -1.31
N TYR A 343 -22.67 -19.16 -0.54
CA TYR A 343 -22.57 -19.16 0.92
C TYR A 343 -22.42 -20.56 1.54
N ASP A 344 -22.65 -21.63 0.79
CA ASP A 344 -22.74 -22.97 1.40
C ASP A 344 -22.11 -24.00 0.46
N ASN A 345 -20.88 -24.42 0.80
CA ASN A 345 -20.16 -25.37 -0.02
C ASN A 345 -20.91 -26.69 -0.18
N THR A 346 -21.81 -27.04 0.75
CA THR A 346 -22.49 -28.32 0.66
C THR A 346 -23.72 -28.29 -0.24
N ASN A 347 -24.12 -27.14 -0.76
CA ASN A 347 -25.32 -27.05 -1.61
C ASN A 347 -24.98 -26.96 -3.09
N ILE A 348 -23.70 -27.13 -3.45
CA ILE A 348 -23.26 -27.01 -4.84
C ILE A 348 -22.06 -27.93 -5.04
N ASP A 349 -22.10 -28.68 -6.14
CA ASP A 349 -20.97 -29.46 -6.62
C ASP A 349 -20.33 -28.60 -7.70
N LEU A 350 -19.15 -28.06 -7.39
CA LEU A 350 -18.50 -27.10 -8.28
C LEU A 350 -18.12 -27.71 -9.62
N ASN A 351 -18.13 -29.03 -9.72
CA ASN A 351 -17.70 -29.72 -10.94
C ASN A 351 -18.86 -30.44 -11.61
N SER A 352 -20.10 -30.12 -11.24
CA SER A 352 -21.26 -30.72 -11.88
C SER A 352 -21.91 -29.71 -12.82
N ILE A 353 -21.98 -30.05 -14.11
CA ILE A 353 -22.58 -29.16 -15.11
C ILE A 353 -24.04 -28.86 -14.77
N GLU A 354 -24.81 -29.84 -14.27
CA GLU A 354 -26.20 -29.53 -13.93
C GLU A 354 -26.30 -28.56 -12.77
N ASP A 355 -25.39 -28.66 -11.80
CA ASP A 355 -25.43 -27.69 -10.70
C ASP A 355 -25.06 -26.30 -11.18
N ALA A 356 -24.05 -26.20 -12.06
CA ALA A 356 -23.70 -24.90 -12.64
C ALA A 356 -24.83 -24.37 -13.49
N GLN A 357 -25.52 -25.25 -14.22
CA GLN A 357 -26.69 -24.78 -14.96
C GLN A 357 -27.76 -24.25 -14.00
N ALA A 358 -27.98 -24.94 -12.88
CA ALA A 358 -28.93 -24.44 -11.89
C ALA A 358 -28.52 -23.06 -11.39
N VAL A 359 -27.22 -22.79 -11.27
CA VAL A 359 -26.78 -21.45 -10.87
C VAL A 359 -27.20 -20.43 -11.91
N ILE A 360 -26.85 -20.68 -13.18
CA ILE A 360 -27.19 -19.71 -14.22
C ILE A 360 -28.71 -19.57 -14.34
N ASN A 361 -29.44 -20.67 -14.16
CA ASN A 361 -30.89 -20.62 -14.22
C ASN A 361 -31.51 -19.76 -13.13
N GLN A 362 -30.74 -19.37 -12.10
CA GLN A 362 -31.25 -18.43 -11.11
C GLN A 362 -31.70 -17.13 -11.74
N TRP A 363 -31.07 -16.75 -12.85
CA TRP A 363 -31.29 -15.46 -13.50
C TRP A 363 -31.77 -15.55 -14.93
N ARG A 364 -31.29 -16.52 -15.70
CA ARG A 364 -31.64 -16.62 -17.12
C ARG A 364 -31.87 -18.08 -17.46
N ASP A 365 -33.07 -18.39 -17.95
CA ASP A 365 -33.38 -19.77 -18.36
C ASP A 365 -32.60 -20.16 -19.60
N ASP A 366 -31.92 -19.20 -20.22
CA ASP A 366 -31.00 -19.56 -21.31
C ASP A 366 -29.55 -19.70 -20.73
N LEU A 367 -28.53 -19.35 -21.52
CA LEU A 367 -27.13 -19.42 -21.11
C LEU A 367 -26.75 -20.82 -20.62
N GLU A 368 -26.73 -21.77 -21.54
CA GLU A 368 -26.38 -23.15 -21.23
C GLU A 368 -24.92 -23.29 -20.82
N VAL A 369 -24.67 -24.02 -19.75
CA VAL A 369 -23.31 -24.24 -19.26
C VAL A 369 -22.67 -25.46 -19.91
N VAL A 370 -21.51 -25.27 -20.50
CA VAL A 370 -20.79 -26.36 -21.17
C VAL A 370 -19.67 -26.94 -20.32
N ASP A 371 -19.25 -26.26 -19.25
CA ASP A 371 -18.19 -26.76 -18.39
C ASP A 371 -18.28 -26.02 -17.06
N THR A 372 -17.70 -26.62 -16.02
CA THR A 372 -17.63 -25.97 -14.73
C THR A 372 -16.48 -26.59 -13.92
N THR A 373 -15.91 -25.81 -13.01
CA THR A 373 -14.85 -26.33 -12.17
C THR A 373 -14.69 -25.51 -10.89
N GLY A 374 -13.99 -26.09 -9.94
CA GLY A 374 -13.67 -25.42 -8.70
C GLY A 374 -13.06 -26.40 -7.73
N HIS A 375 -12.48 -25.87 -6.66
CA HIS A 375 -11.94 -26.69 -5.57
C HIS A 375 -12.69 -26.33 -4.30
N ASN A 376 -13.28 -27.34 -3.65
CA ASN A 376 -14.07 -27.11 -2.44
C ASN A 376 -13.12 -27.06 -1.24
N TRP A 377 -12.63 -25.85 -0.96
CA TRP A 377 -11.67 -25.64 0.13
C TRP A 377 -12.20 -26.13 1.46
N VAL A 378 -13.51 -26.05 1.69
CA VAL A 378 -14.04 -26.43 3.00
C VAL A 378 -13.91 -27.93 3.22
N ALA A 379 -14.05 -28.72 2.15
CA ALA A 379 -13.89 -30.18 2.19
C ALA A 379 -12.44 -30.61 2.02
N ASP A 380 -11.51 -29.67 1.97
CA ASP A 380 -10.08 -29.93 1.86
C ASP A 380 -9.51 -30.00 3.26
N LYS A 381 -9.03 -31.18 3.68
CA LYS A 381 -8.60 -31.37 5.07
C LYS A 381 -7.48 -30.41 5.46
N TRP A 382 -6.73 -29.87 4.51
CA TRP A 382 -5.64 -28.95 4.84
C TRP A 382 -6.06 -27.49 4.83
N ALA A 383 -7.33 -27.21 4.54
CA ALA A 383 -7.89 -25.86 4.65
C ALA A 383 -9.10 -25.84 5.55
N GLY A 384 -10.18 -26.54 5.20
CA GLY A 384 -11.34 -26.59 6.07
C GLY A 384 -12.13 -25.32 6.10
N GLN A 385 -11.90 -24.44 5.14
CA GLN A 385 -12.50 -23.11 5.10
C GLN A 385 -12.12 -22.50 3.78
N ALA A 386 -12.86 -21.48 3.37
CA ALA A 386 -12.43 -20.62 2.27
C ALA A 386 -11.56 -19.51 2.86
N TRP A 387 -11.80 -18.25 2.53
CA TRP A 387 -11.06 -17.21 3.24
C TRP A 387 -11.72 -16.93 4.58
N GLY A 388 -10.90 -16.63 5.58
CA GLY A 388 -11.43 -16.46 6.93
C GLY A 388 -12.30 -15.22 7.04
N THR A 389 -13.51 -15.40 7.59
CA THR A 389 -14.46 -14.32 7.86
C THR A 389 -15.02 -14.51 9.27
N LEU A 390 -15.57 -13.44 9.84
CA LEU A 390 -15.85 -13.37 11.28
C LEU A 390 -17.31 -13.65 11.60
N ARG A 391 -17.53 -14.63 12.49
CA ARG A 391 -18.81 -14.77 13.15
C ARG A 391 -19.00 -13.66 14.18
N LYS A 392 -20.25 -13.48 14.60
CA LYS A 392 -20.56 -12.59 15.71
C LYS A 392 -19.62 -12.84 16.88
N GLY A 393 -19.07 -11.77 17.43
CA GLY A 393 -18.17 -11.83 18.55
C GLY A 393 -16.72 -12.12 18.21
N GLN A 394 -16.42 -12.48 16.97
CA GLN A 394 -15.05 -12.87 16.63
C GLN A 394 -14.18 -11.68 16.23
N PHE A 395 -14.73 -10.49 16.07
CA PHE A 395 -13.87 -9.33 15.84
C PHE A 395 -13.11 -8.97 17.10
N THR A 396 -13.78 -8.99 18.25
CA THR A 396 -13.15 -8.59 19.51
C THR A 396 -12.66 -9.78 20.32
N GLN A 397 -13.23 -10.97 20.13
CA GLN A 397 -12.83 -12.16 20.85
C GLN A 397 -12.67 -13.32 19.88
N GLY A 398 -11.83 -13.11 18.85
CA GLY A 398 -11.58 -14.13 17.86
C GLY A 398 -10.17 -14.08 17.31
N TRP A 399 -9.97 -13.34 16.23
CA TRP A 399 -8.72 -13.42 15.49
C TRP A 399 -7.51 -12.95 16.33
N SER A 400 -7.72 -12.03 17.27
CA SER A 400 -6.61 -11.45 18.02
C SER A 400 -6.12 -12.34 19.15
N LEU A 401 -6.83 -13.42 19.45
CA LEU A 401 -6.48 -14.31 20.57
C LEU A 401 -5.35 -15.26 20.23
N PHE A 402 -4.96 -15.34 18.97
CA PHE A 402 -3.88 -16.22 18.55
C PHE A 402 -2.55 -15.49 18.56
N ASP A 403 -2.41 -14.54 19.49
CA ASP A 403 -1.18 -13.76 19.62
C ASP A 403 -0.46 -14.04 20.93
N ASP A 404 -1.18 -14.74 21.74
CA ASP A 404 -0.72 -15.11 23.07
C ASP A 404 0.44 -16.03 23.06
N ILE A 405 0.09 -17.28 22.97
CA ILE A 405 0.85 -18.45 23.05
C ILE A 405 2.04 -18.46 23.98
N ASP A 406 3.22 -18.47 23.44
CA ASP A 406 4.43 -18.52 24.26
C ASP A 406 5.58 -18.10 23.39
N LEU A 409 5.82 -21.17 20.12
CA LEU A 409 4.80 -21.44 19.11
C LEU A 409 4.16 -20.12 18.71
N PHE A 410 4.12 -19.84 17.41
CA PHE A 410 3.52 -18.61 16.91
C PHE A 410 2.53 -18.98 15.82
N PHE A 411 1.39 -18.28 15.79
CA PHE A 411 0.41 -18.46 14.73
C PHE A 411 0.51 -17.29 13.76
N ALA A 412 0.64 -17.61 12.49
CA ALA A 412 0.69 -16.60 11.44
C ALA A 412 -0.23 -17.03 10.32
N GLY A 413 -0.80 -16.06 9.64
CA GLY A 413 -1.67 -16.35 8.53
C GLY A 413 -2.59 -15.18 8.32
N SER A 414 -3.24 -15.15 7.15
CA SER A 414 -4.11 -14.03 6.85
C SER A 414 -5.19 -13.87 7.90
N ASP A 415 -5.66 -14.98 8.49
CA ASP A 415 -6.80 -14.90 9.40
C ASP A 415 -6.50 -14.14 10.68
N TYR A 416 -5.23 -13.87 10.99
CA TYR A 416 -4.87 -13.14 12.22
C TYR A 416 -4.31 -11.74 11.94
N ALA A 417 -4.42 -11.27 10.70
CA ALA A 417 -3.82 -10.00 10.33
C ALA A 417 -4.60 -8.83 10.94
N TYR A 418 -3.88 -7.71 11.14
CA TYR A 418 -4.53 -6.49 11.58
C TYR A 418 -5.29 -5.80 10.48
N GLY A 419 -4.87 -5.97 9.22
CA GLY A 419 -5.40 -5.18 8.13
C GLY A 419 -6.47 -5.92 7.34
N TRP A 420 -6.13 -6.36 6.13
CA TRP A 420 -7.06 -7.07 5.24
C TRP A 420 -7.13 -8.56 5.61
N ARG A 421 -7.68 -8.78 6.79
CA ARG A 421 -7.62 -10.07 7.47
C ARG A 421 -8.51 -11.11 6.80
N GLY A 422 -7.95 -12.27 6.53
CA GLY A 422 -8.68 -13.42 6.03
C GLY A 422 -8.94 -13.35 4.54
N VAL A 423 -9.61 -12.27 4.13
CA VAL A 423 -10.12 -12.12 2.78
C VAL A 423 -9.02 -11.92 1.75
N CYS A 424 -7.84 -11.43 2.15
CA CYS A 424 -6.84 -11.06 1.16
C CYS A 424 -5.48 -11.68 1.44
N VAL A 425 -4.78 -11.97 0.34
CA VAL A 425 -3.37 -12.33 0.44
C VAL A 425 -2.59 -11.25 1.18
N ASP A 426 -3.04 -9.99 1.11
CA ASP A 426 -2.36 -8.93 1.85
C ASP A 426 -2.22 -9.29 3.32
N GLY A 427 -3.23 -9.93 3.89
CA GLY A 427 -3.17 -10.25 5.30
C GLY A 427 -2.21 -11.38 5.62
N ALA A 428 -2.10 -12.35 4.70
CA ALA A 428 -1.12 -13.43 4.87
C ALA A 428 0.30 -12.87 4.79
N LEU A 429 0.55 -12.00 3.82
CA LEU A 429 1.87 -11.41 3.68
C LEU A 429 2.18 -10.48 4.86
N GLU A 430 1.17 -9.76 5.33
CA GLU A 430 1.34 -8.95 6.54
C GLU A 430 1.75 -9.82 7.71
N LYS A 431 0.92 -10.79 8.06
CA LYS A 431 1.09 -11.48 9.33
C LYS A 431 2.23 -12.49 9.30
N GLY A 432 2.51 -13.09 8.14
CA GLY A 432 3.71 -13.91 8.03
C GLY A 432 4.98 -13.12 8.28
N MET A 433 5.04 -11.92 7.69
CA MET A 433 6.23 -11.09 7.87
C MET A 433 6.36 -10.62 9.31
N THR A 434 5.27 -10.12 9.91
CA THR A 434 5.40 -9.57 11.26
C THR A 434 5.60 -10.68 12.30
N THR A 435 5.07 -11.88 12.04
CA THR A 435 5.32 -12.98 12.95
C THR A 435 6.79 -13.39 12.89
N ALA A 436 7.37 -13.45 11.69
CA ALA A 436 8.81 -13.67 11.61
C ALA A 436 9.58 -12.59 12.38
N ARG A 437 9.13 -11.34 12.33
CA ARG A 437 9.79 -10.30 13.11
C ARG A 437 9.65 -10.56 14.61
N GLN A 438 8.53 -11.13 15.06
CA GLN A 438 8.41 -11.49 16.48
C GLN A 438 9.47 -12.51 16.85
N VAL A 439 9.69 -13.49 15.97
CA VAL A 439 10.70 -14.51 16.23
C VAL A 439 12.10 -13.90 16.17
N ILE A 440 12.35 -13.05 15.16
CA ILE A 440 13.63 -12.34 15.05
C ILE A 440 13.90 -11.52 16.30
N ASN A 441 12.92 -10.77 16.77
CA ASN A 441 13.15 -9.89 17.92
C ASN A 441 13.48 -10.69 19.16
N SER A 442 12.81 -11.83 19.36
CA SER A 442 13.08 -12.64 20.54
C SER A 442 14.49 -13.23 20.49
N MET A 443 14.90 -13.72 19.33
CA MET A 443 16.25 -14.28 19.16
C MET A 443 17.27 -13.16 19.26
N ARG A 444 17.93 -13.07 20.41
CA ARG A 444 18.85 -11.98 20.76
C ARG A 444 18.21 -10.61 20.61
N LYS B 5 29.67 -8.09 -3.98
CA LYS B 5 30.58 -7.19 -4.65
C LYS B 5 29.80 -6.07 -5.34
N VAL B 6 28.53 -5.91 -4.97
CA VAL B 6 27.73 -4.79 -5.44
C VAL B 6 28.01 -3.59 -4.54
N VAL B 7 28.36 -2.46 -5.15
CA VAL B 7 28.62 -1.25 -4.40
C VAL B 7 27.38 -0.37 -4.46
N ILE B 8 26.85 -0.04 -3.28
CA ILE B 8 25.72 0.87 -3.16
C ILE B 8 26.26 2.22 -2.71
N ILE B 9 25.97 3.27 -3.48
CA ILE B 9 26.40 4.61 -3.14
C ILE B 9 25.24 5.31 -2.46
N GLY B 10 25.40 5.63 -1.17
CA GLY B 10 24.38 6.33 -0.43
C GLY B 10 23.58 5.46 0.51
N ALA B 11 23.48 5.88 1.79
CA ALA B 11 22.72 5.16 2.80
C ALA B 11 21.43 5.90 3.18
N GLY B 12 20.74 6.43 2.17
CA GLY B 12 19.37 6.84 2.33
C GLY B 12 18.48 5.62 2.24
N PHE B 13 17.17 5.87 2.17
CA PHE B 13 16.23 4.74 2.17
C PHE B 13 16.44 3.83 0.97
N ALA B 14 16.76 4.40 -0.21
CA ALA B 14 16.91 3.56 -1.40
C ALA B 14 18.12 2.65 -1.27
N GLY B 15 19.24 3.18 -0.79
CA GLY B 15 20.43 2.37 -0.64
C GLY B 15 20.29 1.33 0.46
N LEU B 16 19.65 1.70 1.58
CA LEU B 16 19.45 0.77 2.68
C LEU B 16 18.54 -0.39 2.26
N VAL B 17 17.41 -0.09 1.63
CA VAL B 17 16.51 -1.16 1.24
C VAL B 17 17.12 -2.02 0.13
N ALA B 18 17.95 -1.42 -0.74
CA ALA B 18 18.63 -2.23 -1.75
C ALA B 18 19.61 -3.19 -1.10
N ALA B 19 20.36 -2.72 -0.11
CA ALA B 19 21.29 -3.59 0.59
C ALA B 19 20.57 -4.76 1.25
N ARG B 20 19.45 -4.48 1.91
CA ARG B 20 18.71 -5.56 2.55
C ARG B 20 18.19 -6.57 1.53
N GLU B 21 17.75 -6.08 0.37
CA GLU B 21 17.25 -6.96 -0.68
C GLU B 21 18.36 -7.86 -1.21
N LEU B 22 19.55 -7.30 -1.45
CA LEU B 22 20.67 -8.12 -1.91
C LEU B 22 21.06 -9.13 -0.84
N GLN B 23 20.98 -8.74 0.42
CA GLN B 23 21.30 -9.66 1.51
C GLN B 23 20.38 -10.87 1.50
N THR B 24 19.08 -10.63 1.29
CA THR B 24 18.14 -11.75 1.21
C THR B 24 18.53 -12.72 0.12
N ALA B 25 19.04 -12.22 -1.00
CA ALA B 25 19.44 -13.06 -2.12
C ALA B 25 20.86 -13.61 -1.99
N GLY B 26 21.53 -13.38 -0.87
CA GLY B 26 22.87 -13.89 -0.67
C GLY B 26 23.93 -13.24 -1.53
N ILE B 27 23.72 -11.99 -1.92
CA ILE B 27 24.67 -11.27 -2.76
C ILE B 27 25.49 -10.33 -1.88
N GLU B 28 26.81 -10.37 -2.04
CA GLU B 28 27.68 -9.52 -1.24
C GLU B 28 27.58 -8.07 -1.70
N TYR B 29 27.59 -7.15 -0.73
CA TYR B 29 27.43 -5.73 -1.03
C TYR B 29 28.29 -4.92 -0.08
N GLU B 30 28.40 -3.63 -0.39
CA GLU B 30 28.89 -2.66 0.57
C GLU B 30 28.25 -1.33 0.26
N ILE B 31 27.85 -0.60 1.31
CA ILE B 31 27.25 0.72 1.16
C ILE B 31 28.29 1.76 1.50
N LEU B 32 28.51 2.71 0.59
CA LEU B 32 29.42 3.82 0.83
C LEU B 32 28.59 5.09 0.99
N GLU B 33 28.71 5.73 2.14
CA GLU B 33 27.94 6.94 2.44
C GLU B 33 28.89 8.09 2.73
N ALA B 34 28.61 9.25 2.12
CA ALA B 34 29.48 10.43 2.26
C ALA B 34 29.43 11.01 3.66
N LYS B 35 28.25 11.01 4.28
CA LYS B 35 28.06 11.65 5.57
C LYS B 35 28.46 10.72 6.73
N ASP B 36 28.45 11.29 7.94
CA ASP B 36 28.64 10.51 9.15
C ASP B 36 27.32 10.02 9.73
N ARG B 37 26.29 9.93 8.91
CA ARG B 37 24.98 9.51 9.37
C ARG B 37 24.29 8.81 8.22
N ILE B 38 23.32 7.98 8.56
CA ILE B 38 22.48 7.34 7.56
C ILE B 38 21.12 8.03 7.56
N GLY B 39 20.36 7.80 6.49
CA GLY B 39 19.01 8.32 6.35
C GLY B 39 18.85 9.28 5.19
N GLY B 40 19.92 9.99 4.82
CA GLY B 40 19.85 10.90 3.69
C GLY B 40 18.85 12.01 3.92
N ARG B 41 17.94 12.18 2.98
CA ARG B 41 16.97 13.27 3.08
C ARG B 41 15.82 12.95 4.01
N ALA B 42 15.82 11.77 4.65
CA ALA B 42 15.09 11.53 5.88
C ALA B 42 16.06 11.71 7.04
N TRP B 43 15.68 12.55 8.01
CA TRP B 43 16.62 12.89 9.09
C TRP B 43 15.80 13.32 10.31
N THR B 44 15.66 12.41 11.28
CA THR B 44 14.99 12.73 12.54
C THR B 44 16.03 13.18 13.57
N GLU B 45 15.78 14.33 14.20
CA GLU B 45 16.76 14.89 15.11
C GLU B 45 16.10 15.72 16.19
N GLU B 46 16.64 15.63 17.40
CA GLU B 46 16.17 16.45 18.50
C GLU B 46 16.53 17.91 18.26
N ARG B 47 15.51 18.77 18.17
CA ARG B 47 15.68 20.20 17.97
C ARG B 47 14.50 20.93 18.61
N MET B 48 14.78 22.10 19.17
CA MET B 48 13.73 22.93 19.80
C MET B 48 12.89 22.13 20.79
N GLY B 49 13.50 21.13 21.42
CA GLY B 49 12.87 20.43 22.54
C GLY B 49 12.18 19.12 22.24
N ARG B 50 12.23 18.62 21.00
CA ARG B 50 11.59 17.36 20.68
C ARG B 50 12.16 16.85 19.36
N PRO B 51 11.96 15.58 19.04
CA PRO B 51 12.41 15.08 17.72
C PRO B 51 11.63 15.74 16.59
N LEU B 52 12.36 16.31 15.64
CA LEU B 52 11.78 16.93 14.46
C LEU B 52 12.35 16.29 13.20
N GLU B 53 11.52 16.19 12.16
CA GLU B 53 11.96 15.69 10.86
C GLU B 53 12.52 16.84 10.04
N LEU B 54 13.84 16.84 9.83
CA LEU B 54 14.42 17.91 9.02
C LEU B 54 14.16 17.69 7.53
N GLY B 55 13.75 16.48 7.16
CA GLY B 55 13.34 16.17 5.80
C GLY B 55 12.04 15.39 5.85
N ALA B 56 12.08 14.13 5.43
CA ALA B 56 10.88 13.32 5.28
C ALA B 56 10.07 13.23 6.59
N THR B 57 8.73 13.32 6.46
CA THR B 57 7.85 13.35 7.63
C THR B 57 6.60 12.46 7.57
N TRP B 58 5.77 12.61 6.54
CA TRP B 58 4.42 12.05 6.54
C TRP B 58 4.34 10.73 5.79
N VAL B 59 3.38 9.88 6.19
CA VAL B 59 3.25 8.51 5.70
C VAL B 59 1.77 8.14 5.57
N HIS B 60 1.50 6.99 4.95
CA HIS B 60 0.11 6.54 4.83
C HIS B 60 0.09 5.08 4.44
N TRP B 61 -0.99 4.38 4.83
CA TRP B 61 -1.11 2.96 4.48
C TRP B 61 -1.40 2.71 3.01
N PHE B 62 -1.78 3.74 2.24
CA PHE B 62 -1.89 3.58 0.79
C PHE B 62 -0.54 3.72 0.07
N GLN B 63 0.56 3.86 0.81
CA GLN B 63 1.91 3.84 0.26
C GLN B 63 2.49 2.47 0.59
N ALA B 64 2.51 1.58 -0.41
CA ALA B 64 2.78 0.16 -0.14
C ALA B 64 4.16 -0.05 0.47
N HIS B 65 5.18 0.61 -0.06
CA HIS B 65 6.54 0.32 0.38
C HIS B 65 6.80 0.91 1.76
N THR B 66 6.38 2.17 1.95
CA THR B 66 6.53 2.77 3.28
C THR B 66 5.75 2.00 4.33
N TRP B 67 4.50 1.63 4.01
CA TRP B 67 3.68 0.99 5.02
C TRP B 67 4.22 -0.38 5.41
N THR B 68 4.79 -1.14 4.46
CA THR B 68 5.35 -2.44 4.84
C THR B 68 6.51 -2.28 5.82
N GLU B 69 7.34 -1.23 5.65
CA GLU B 69 8.42 -1.02 6.62
C GLU B 69 7.87 -0.55 7.98
N ILE B 70 6.85 0.31 7.96
CA ILE B 70 6.15 0.69 9.19
C ILE B 70 5.70 -0.55 9.96
N MET B 71 5.08 -1.52 9.26
CA MET B 71 4.65 -2.74 9.92
C MET B 71 5.85 -3.57 10.39
N ARG B 72 6.86 -3.72 9.51
CA ARG B 72 8.03 -4.55 9.82
C ARG B 72 8.72 -4.11 11.10
N TYR B 73 8.91 -2.80 11.28
CA TYR B 73 9.70 -2.30 12.40
C TYR B 73 8.83 -1.82 13.55
N GLY B 74 7.61 -2.33 13.65
CA GLY B 74 6.85 -2.15 14.87
C GLY B 74 6.13 -0.84 15.03
N GLN B 75 5.93 -0.08 13.94
CA GLN B 75 5.37 1.26 14.03
C GLN B 75 3.90 1.32 13.64
N ARG B 76 3.23 0.17 13.48
CA ARG B 76 1.82 0.09 13.08
C ARG B 76 0.91 1.10 13.78
N THR B 77 1.01 1.21 15.11
CA THR B 77 0.15 2.11 15.87
C THR B 77 0.87 3.39 16.25
N GLU B 78 2.09 3.59 15.79
CA GLU B 78 2.89 4.74 16.22
C GLU B 78 2.82 5.87 15.20
N ILE B 79 1.61 6.19 14.76
CA ILE B 79 1.38 7.31 13.87
C ILE B 79 0.36 8.23 14.50
N THR B 80 0.53 9.53 14.26
CA THR B 80 -0.34 10.56 14.80
C THR B 80 -0.65 11.57 13.71
N ALA B 81 -1.93 11.96 13.60
CA ALA B 81 -2.33 12.92 12.59
C ALA B 81 -1.95 14.35 12.98
N SER B 82 -1.53 15.12 11.97
CA SER B 82 -1.20 16.52 12.16
C SER B 82 -2.45 17.30 12.57
N PRO B 83 -2.26 18.45 13.23
CA PRO B 83 -3.43 19.26 13.63
C PRO B 83 -4.29 19.68 12.45
N SER B 84 -5.61 19.61 12.65
CA SER B 84 -6.60 20.03 11.66
C SER B 84 -7.57 21.00 12.32
N GLY B 85 -8.52 21.50 11.52
CA GLY B 85 -9.43 22.51 12.04
C GLY B 85 -8.73 23.77 12.47
N ASN B 86 -7.61 24.10 11.83
CA ASN B 86 -6.86 25.30 12.16
C ASN B 86 -7.60 26.54 11.67
N ASP B 87 -7.25 27.68 12.27
CA ASP B 87 -7.69 28.96 11.72
C ASP B 87 -6.84 29.29 10.52
N ALA B 88 -7.47 29.42 9.36
CA ALA B 88 -6.75 29.58 8.11
C ALA B 88 -6.62 31.04 7.72
N HIS B 89 -5.50 31.36 7.05
CA HIS B 89 -5.19 32.68 6.53
C HIS B 89 -4.57 32.50 5.16
N TRP B 90 -5.03 32.91 4.13
CA TRP B 90 -4.37 32.87 2.84
C TRP B 90 -4.19 34.27 2.26
N VAL B 91 -3.04 34.49 1.64
CA VAL B 91 -2.70 35.74 0.98
C VAL B 91 -3.31 36.11 -0.36
N THR B 92 -3.49 35.41 -1.43
CA THR B 92 -4.23 36.20 -2.65
C THR B 92 -3.70 37.66 -3.19
N ASP B 93 -4.50 38.71 -3.25
CA ASP B 93 -4.05 39.96 -3.95
C ASP B 93 -3.38 40.98 -3.03
N GLY B 94 -2.40 40.49 -2.28
CA GLY B 94 -1.65 41.27 -1.33
C GLY B 94 -2.30 41.49 0.00
N LYS B 95 -3.44 40.88 0.23
CA LYS B 95 -4.16 41.12 1.45
C LYS B 95 -4.43 39.87 2.24
N VAL B 96 -4.52 39.86 3.53
CA VAL B 96 -4.82 38.62 4.22
C VAL B 96 -6.31 38.31 4.37
N VAL B 97 -6.75 37.13 3.92
CA VAL B 97 -8.13 36.69 4.10
C VAL B 97 -8.15 35.59 5.14
N LYS B 98 -9.17 35.64 6.00
CA LYS B 98 -9.32 34.69 7.09
C LYS B 98 -10.51 33.77 6.85
N GLY B 99 -10.38 32.53 7.30
CA GLY B 99 -11.47 31.58 7.19
C GLY B 99 -11.09 30.30 7.90
N THR B 100 -11.99 29.34 7.86
CA THR B 100 -11.70 28.05 8.47
C THR B 100 -10.85 27.21 7.53
N GLU B 101 -10.18 26.21 8.09
CA GLU B 101 -9.42 25.30 7.26
C GLU B 101 -10.33 24.58 6.25
N ASP B 102 -11.54 24.21 6.68
CA ASP B 102 -12.49 23.60 5.75
C ASP B 102 -12.82 24.55 4.59
N ASP B 103 -12.97 25.85 4.88
CA ASP B 103 -13.18 26.85 3.83
C ASP B 103 -12.07 26.79 2.78
N LEU B 104 -10.82 26.75 3.25
CA LEU B 104 -9.69 26.69 2.33
C LEU B 104 -9.72 25.38 1.54
N ASP B 105 -9.92 24.25 2.23
CA ASP B 105 -9.97 22.95 1.59
C ASP B 105 -11.03 22.88 0.50
N GLU B 106 -12.18 23.51 0.74
CA GLU B 106 -13.25 23.52 -0.27
C GLU B 106 -12.78 24.18 -1.56
N LYS B 107 -12.08 25.31 -1.45
CA LYS B 107 -11.61 26.01 -2.63
C LYS B 107 -10.52 25.20 -3.34
N LEU B 108 -9.62 24.60 -2.58
CA LEU B 108 -8.58 23.76 -3.18
C LEU B 108 -9.21 22.53 -3.85
N THR B 109 -10.21 21.94 -3.20
CA THR B 109 -10.86 20.76 -3.78
C THR B 109 -11.47 21.08 -5.13
N ALA B 110 -12.16 22.23 -5.25
CA ALA B 110 -12.72 22.62 -6.54
C ALA B 110 -11.64 22.79 -7.59
N ALA B 111 -10.49 23.38 -7.22
CA ALA B 111 -9.43 23.57 -8.19
C ALA B 111 -8.74 22.26 -8.56
N MET B 112 -8.74 21.27 -7.65
CA MET B 112 -8.06 20.01 -7.97
C MET B 112 -8.83 19.21 -9.01
N GLY B 113 -10.15 19.37 -9.06
CA GLY B 113 -10.92 18.71 -10.11
C GLY B 113 -10.37 19.00 -11.50
N VAL B 114 -10.16 20.28 -11.81
CA VAL B 114 -9.61 20.61 -13.12
C VAL B 114 -8.13 20.23 -13.19
N THR B 115 -7.43 20.27 -12.06
CA THR B 115 -6.01 19.93 -12.06
C THR B 115 -5.79 18.46 -12.39
N TYR B 116 -6.67 17.58 -11.92
CA TYR B 116 -6.55 16.15 -12.14
C TYR B 116 -7.05 15.70 -13.51
N GLU B 117 -7.62 16.59 -14.33
CA GLU B 117 -8.61 16.21 -15.33
C GLU B 117 -8.32 14.93 -16.11
N GLY B 118 -7.18 14.84 -16.79
CA GLY B 118 -6.96 13.68 -17.63
C GLY B 118 -6.41 12.43 -16.95
N SER B 119 -6.39 12.40 -15.63
CA SER B 119 -5.68 11.33 -14.92
C SER B 119 -6.32 9.96 -15.16
N GLU B 120 -7.63 9.90 -15.38
CA GLU B 120 -8.24 8.60 -15.59
C GLU B 120 -7.89 8.02 -16.96
N GLU B 121 -7.64 8.89 -17.94
CA GLU B 121 -7.21 8.42 -19.26
C GLU B 121 -5.73 8.10 -19.28
N TYR B 122 -4.91 8.86 -18.55
CA TYR B 122 -3.47 8.65 -18.56
C TYR B 122 -3.03 7.50 -17.66
N PHE B 123 -3.70 7.30 -16.53
CA PHE B 123 -3.14 6.48 -15.45
C PHE B 123 -4.14 5.44 -14.93
N PRO B 124 -4.71 4.60 -15.81
CA PRO B 124 -5.57 3.52 -15.29
C PRO B 124 -4.84 2.65 -14.30
N ASN B 125 -3.56 2.38 -14.56
CA ASN B 125 -2.64 1.84 -13.57
C ASN B 125 -1.75 3.00 -13.15
N PRO B 126 -1.96 3.60 -11.98
CA PRO B 126 -1.17 4.78 -11.61
C PRO B 126 0.29 4.46 -11.33
N HIS B 127 0.67 3.19 -11.31
CA HIS B 127 2.06 2.79 -11.21
C HIS B 127 2.68 2.48 -12.55
N ASP B 128 1.99 2.81 -13.65
CA ASP B 128 2.55 2.76 -15.00
C ASP B 128 2.42 4.15 -15.60
N PRO B 129 3.24 5.10 -15.16
CA PRO B 129 3.02 6.51 -15.53
C PRO B 129 3.21 6.81 -17.00
N LEU B 130 4.01 6.04 -17.74
CA LEU B 130 4.28 6.34 -19.13
C LEU B 130 3.56 5.39 -20.07
N TRP B 131 2.49 4.76 -19.57
CA TRP B 131 1.69 3.86 -20.40
C TRP B 131 1.21 4.54 -21.68
N VAL B 132 0.83 5.82 -21.59
CA VAL B 132 0.31 6.55 -22.75
C VAL B 132 1.32 6.57 -23.90
N LEU B 133 2.62 6.54 -23.59
CA LEU B 133 3.65 6.58 -24.61
C LEU B 133 4.14 5.20 -25.02
N SER B 134 3.57 4.14 -24.44
CA SER B 134 4.02 2.79 -24.72
C SER B 134 3.36 2.22 -25.96
N ASP B 135 3.94 1.13 -26.46
CA ASP B 135 3.34 0.44 -27.59
C ASP B 135 2.00 -0.18 -27.21
N ASP B 136 1.79 -0.45 -25.92
CA ASP B 136 0.55 -1.04 -25.43
C ASP B 136 -0.60 -0.03 -25.35
N PHE B 137 -0.32 1.26 -25.51
CA PHE B 137 -1.38 2.26 -25.45
C PHE B 137 -2.39 2.02 -26.57
N ASP B 138 -3.67 1.95 -26.19
CA ASP B 138 -4.74 1.65 -27.13
C ASP B 138 -5.84 2.71 -27.12
N GLY B 139 -5.56 3.90 -26.57
CA GLY B 139 -6.56 4.93 -26.49
C GLY B 139 -6.51 5.88 -27.67
N PRO B 140 -7.33 6.93 -27.63
CA PRO B 140 -7.34 7.91 -28.72
C PRO B 140 -6.01 8.63 -28.83
N ALA B 141 -5.62 8.95 -30.07
CA ALA B 141 -4.36 9.64 -30.29
C ALA B 141 -4.34 11.04 -29.68
N GLU B 142 -5.51 11.65 -29.46
CA GLU B 142 -5.57 12.94 -28.80
C GLU B 142 -5.29 12.85 -27.32
N VAL B 143 -5.46 11.67 -26.71
CA VAL B 143 -5.04 11.46 -25.34
C VAL B 143 -3.53 11.60 -25.23
N ARG B 144 -2.80 11.01 -26.17
CA ARG B 144 -1.35 11.15 -26.19
C ARG B 144 -0.94 12.59 -26.46
N GLU B 145 -1.63 13.26 -27.39
CA GLU B 145 -1.33 14.66 -27.66
C GLU B 145 -1.48 15.51 -26.39
N ARG B 146 -2.58 15.30 -25.65
CA ARG B 146 -2.79 16.09 -24.45
C ARG B 146 -1.80 15.71 -23.36
N PHE B 147 -1.41 14.43 -23.30
CA PHE B 147 -0.39 13.98 -22.34
C PHE B 147 0.92 14.71 -22.54
N LEU B 148 1.40 14.74 -23.79
CA LEU B 148 2.66 15.43 -24.08
C LEU B 148 2.56 16.93 -23.78
N SER B 149 1.44 17.55 -24.12
CA SER B 149 1.33 18.99 -23.89
C SER B 149 1.11 19.32 -22.42
N ASP B 150 0.52 18.39 -21.65
CA ASP B 150 0.41 18.60 -20.20
C ASP B 150 1.78 18.62 -19.53
N ASP B 151 2.76 17.89 -20.10
CA ASP B 151 4.13 17.95 -19.60
C ASP B 151 4.75 19.33 -19.80
N GLN B 152 4.21 20.14 -20.72
CA GLN B 152 4.74 21.47 -21.00
C GLN B 152 3.90 22.58 -20.37
N THR B 153 2.96 22.22 -19.50
CA THR B 153 2.05 23.14 -18.84
C THR B 153 2.24 23.03 -17.35
N ASN B 154 2.31 24.17 -16.64
CA ASN B 154 2.37 24.09 -15.19
C ASN B 154 0.95 23.93 -14.61
N ALA B 155 0.90 23.57 -13.33
CA ALA B 155 -0.37 23.28 -12.68
C ALA B 155 -1.20 24.52 -12.40
N ILE B 156 -0.58 25.70 -12.33
CA ILE B 156 -1.32 26.93 -12.07
C ILE B 156 -2.12 27.32 -13.30
N ASP B 157 -1.49 27.26 -14.47
CA ASP B 157 -2.14 27.67 -15.70
C ASP B 157 -3.39 26.85 -15.99
N LEU B 158 -3.41 25.56 -15.58
CA LEU B 158 -4.63 24.77 -15.73
C LEU B 158 -5.79 25.40 -14.98
N VAL B 159 -5.52 25.97 -13.81
CA VAL B 159 -6.56 26.59 -13.00
C VAL B 159 -6.95 27.96 -13.56
N LYS B 160 -5.97 28.73 -14.06
CA LYS B 160 -6.28 30.02 -14.67
C LYS B 160 -7.09 29.84 -15.95
N GLU B 161 -6.71 28.88 -16.79
CA GLU B 161 -7.45 28.64 -18.02
C GLU B 161 -8.87 28.14 -17.76
N ALA B 162 -9.12 27.55 -16.60
CA ALA B 162 -10.44 27.07 -16.23
C ALA B 162 -11.38 28.18 -15.77
N GLY B 163 -10.86 29.40 -15.58
CA GLY B 163 -11.68 30.53 -15.20
C GLY B 163 -11.80 30.80 -13.72
N PHE B 164 -10.98 30.19 -12.88
CA PHE B 164 -11.04 30.47 -11.46
C PHE B 164 -10.57 31.89 -11.15
N ASP B 165 -11.13 32.46 -10.09
CA ASP B 165 -10.81 33.83 -9.75
C ASP B 165 -9.42 33.92 -9.11
N GLN B 166 -8.99 35.15 -8.85
CA GLN B 166 -7.63 35.36 -8.39
C GLN B 166 -7.38 34.73 -7.02
N GLU B 167 -8.41 34.68 -6.17
CA GLU B 167 -8.25 34.06 -4.86
C GLU B 167 -7.82 32.60 -5.00
N THR B 168 -8.51 31.85 -5.86
CA THR B 168 -8.15 30.45 -6.03
C THR B 168 -6.82 30.28 -6.75
N ILE B 169 -6.53 31.16 -7.71
CA ILE B 169 -5.21 31.15 -8.36
C ILE B 169 -4.11 31.34 -7.32
N ASP B 170 -4.29 32.33 -6.45
CA ASP B 170 -3.29 32.55 -5.41
C ASP B 170 -3.20 31.38 -4.44
N LEU B 171 -4.32 30.70 -4.16
CA LEU B 171 -4.30 29.53 -3.28
C LEU B 171 -3.55 28.37 -3.93
N VAL B 172 -3.79 28.11 -5.22
CA VAL B 172 -3.07 26.99 -5.86
C VAL B 172 -1.62 27.37 -6.13
N ASP B 173 -1.34 28.66 -6.34
CA ASP B 173 0.04 29.14 -6.38
C ASP B 173 0.77 28.73 -5.10
N ALA B 174 0.23 29.15 -3.94
CA ALA B 174 0.81 28.78 -2.66
C ALA B 174 0.92 27.27 -2.53
N PHE B 175 -0.16 26.55 -2.87
CA PHE B 175 -0.18 25.11 -2.68
C PHE B 175 0.95 24.42 -3.43
N TRP B 176 1.17 24.80 -4.69
CA TRP B 176 2.18 24.14 -5.51
C TRP B 176 3.58 24.71 -5.33
N CYS B 177 3.72 25.91 -4.75
CA CYS B 177 5.02 26.30 -4.24
C CYS B 177 5.51 25.28 -3.22
N ALA B 178 4.62 24.81 -2.35
CA ALA B 178 5.00 23.78 -1.40
C ALA B 178 5.15 22.44 -2.09
N GLY B 179 4.19 22.06 -2.94
CA GLY B 179 4.21 20.72 -3.51
C GLY B 179 5.35 20.49 -4.47
N TYR B 180 5.66 21.49 -5.29
CA TYR B 180 6.73 21.38 -6.26
C TYR B 180 8.07 21.84 -5.71
N ILE B 181 8.11 22.10 -4.40
CA ILE B 181 9.30 22.55 -3.66
C ILE B 181 10.20 23.54 -4.41
N GLY B 182 9.59 24.61 -4.92
CA GLY B 182 10.31 25.63 -5.65
C GLY B 182 9.35 26.52 -6.42
N ASP B 183 9.72 26.88 -7.64
CA ASP B 183 8.86 27.71 -8.47
C ASP B 183 7.83 26.83 -9.20
N PRO B 184 6.54 26.91 -8.85
CA PRO B 184 5.57 26.03 -9.52
C PRO B 184 5.37 26.38 -10.97
N TYR B 185 5.73 27.59 -11.39
CA TYR B 185 5.46 27.98 -12.77
C TYR B 185 6.39 27.32 -13.77
N THR B 186 7.54 26.80 -13.32
CA THR B 186 8.41 26.03 -14.19
C THR B 186 8.10 24.53 -14.17
N GLY B 187 7.09 24.12 -13.39
CA GLY B 187 6.86 22.70 -13.17
C GLY B 187 5.94 22.06 -14.21
N SER B 188 6.00 20.72 -14.27
CA SER B 188 5.16 19.95 -15.18
C SER B 188 3.87 19.56 -14.45
N ALA B 189 2.73 19.92 -15.03
CA ALA B 189 1.44 19.57 -14.42
C ALA B 189 1.22 18.07 -14.33
N LEU B 190 1.92 17.27 -15.14
CA LEU B 190 1.71 15.82 -15.07
C LEU B 190 2.09 15.26 -13.71
N MET B 191 3.03 15.91 -12.99
CA MET B 191 3.32 15.46 -11.63
C MET B 191 2.07 15.53 -10.77
N ALA B 192 1.38 16.66 -10.79
CA ALA B 192 0.16 16.81 -10.01
C ALA B 192 -0.90 15.80 -10.43
N LYS B 193 -1.00 15.55 -11.74
CA LYS B 193 -2.01 14.60 -12.20
C LYS B 193 -1.70 13.19 -11.73
N GLN B 194 -0.43 12.81 -11.68
CA GLN B 194 -0.12 11.48 -11.17
C GLN B 194 -0.35 11.39 -9.66
N TRP B 195 -0.06 12.47 -8.91
CA TRP B 195 -0.45 12.48 -7.51
C TRP B 195 -1.94 12.23 -7.38
N GLY B 196 -2.75 12.88 -8.21
CA GLY B 196 -4.17 12.60 -8.23
C GLY B 196 -4.45 11.12 -8.42
N ALA B 197 -3.85 10.53 -9.46
CA ALA B 197 -4.14 9.13 -9.80
C ALA B 197 -3.75 8.18 -8.69
N LEU B 198 -2.67 8.49 -7.95
CA LEU B 198 -2.25 7.67 -6.81
C LEU B 198 -3.13 7.88 -5.58
N SER B 199 -4.03 8.86 -5.64
CA SER B 199 -4.84 9.30 -4.52
C SER B 199 -6.33 9.15 -4.85
N ASP B 200 -6.66 8.21 -5.74
CA ASP B 200 -8.05 7.98 -6.15
C ASP B 200 -8.71 9.26 -6.68
N ASN B 201 -7.87 10.15 -7.22
CA ASN B 201 -8.32 11.41 -7.82
C ASN B 201 -9.18 12.26 -6.87
N ARG B 202 -8.85 12.22 -5.58
CA ARG B 202 -9.56 13.04 -4.60
C ARG B 202 -8.56 13.83 -3.77
N TYR B 203 -8.76 15.15 -3.73
CA TYR B 203 -7.91 16.03 -2.95
C TYR B 203 -7.74 15.56 -1.52
N ARG B 204 -8.82 15.14 -0.86
CA ARG B 204 -8.72 14.73 0.53
C ARG B 204 -7.80 13.52 0.69
N VAL B 205 -7.89 12.56 -0.23
CA VAL B 205 -7.01 11.39 -0.14
C VAL B 205 -5.56 11.81 -0.37
N MET B 206 -5.33 12.69 -1.35
CA MET B 206 -3.97 13.18 -1.61
C MET B 206 -3.37 13.84 -0.38
N GLU B 207 -4.17 14.64 0.34
CA GLU B 207 -3.65 15.27 1.55
C GLU B 207 -3.53 14.29 2.70
N ASP B 208 -4.44 13.29 2.75
CA ASP B 208 -4.29 12.23 3.73
C ASP B 208 -2.97 11.48 3.52
N ILE B 209 -2.59 11.26 2.26
CA ILE B 209 -1.41 10.45 1.97
C ILE B 209 -0.13 11.22 2.22
N THR B 210 -0.12 12.53 1.92
CA THR B 210 1.13 13.29 1.90
C THR B 210 1.32 14.24 3.07
N LEU B 211 0.26 14.58 3.80
CA LEU B 211 0.36 15.71 4.74
C LEU B 211 -0.46 15.48 6.00
N LYS B 212 -0.60 14.24 6.45
CA LYS B 212 -1.46 13.96 7.60
C LYS B 212 -0.78 13.17 8.72
N TRP B 213 -0.31 11.95 8.43
CA TRP B 213 0.14 11.03 9.46
C TRP B 213 1.66 11.10 9.64
N LYS B 214 2.09 11.42 10.86
CA LYS B 214 3.50 11.49 11.21
C LYS B 214 3.90 10.27 12.03
N LEU B 215 5.17 9.88 11.94
CA LEU B 215 5.71 8.80 12.75
C LEU B 215 6.12 9.32 14.13
N ASN B 216 5.48 8.79 15.17
CA ASN B 216 5.84 9.18 16.55
C ASN B 216 7.32 8.99 16.81
N ASN B 217 7.88 7.90 16.29
CA ASN B 217 9.29 7.61 16.52
C ASN B 217 10.16 8.03 15.34
N GLY B 218 9.60 8.75 14.39
CA GLY B 218 10.35 9.40 13.34
C GLY B 218 10.70 8.44 12.21
N MET B 219 11.12 9.03 11.08
CA MET B 219 11.70 8.25 10.00
C MET B 219 12.87 7.41 10.49
N ARG B 220 13.60 7.88 11.51
CA ARG B 220 14.76 7.12 11.98
C ARG B 220 14.36 5.74 12.49
N SER B 221 13.12 5.57 12.96
CA SER B 221 12.73 4.22 13.38
C SER B 221 12.73 3.25 12.21
N LEU B 222 12.48 3.77 11.00
CA LEU B 222 12.53 2.91 9.82
C LEU B 222 13.94 2.78 9.26
N TYR B 223 14.67 3.88 9.10
CA TYR B 223 15.98 3.70 8.48
C TYR B 223 16.97 3.05 9.44
N ASP B 224 16.86 3.33 10.75
CA ASP B 224 17.67 2.56 11.69
C ASP B 224 17.23 1.10 11.75
N GLY B 225 15.92 0.84 11.54
CA GLY B 225 15.45 -0.52 11.47
C GLY B 225 16.08 -1.30 10.32
N ILE B 226 16.07 -0.71 9.12
CA ILE B 226 16.66 -1.38 7.97
C ILE B 226 18.16 -1.58 8.18
N ALA B 227 18.86 -0.53 8.63
CA ALA B 227 20.30 -0.64 8.86
C ALA B 227 20.61 -1.71 9.88
N GLY B 228 19.79 -1.82 10.94
CA GLY B 228 19.98 -2.85 11.95
C GLY B 228 19.84 -4.27 11.44
N ASP B 229 19.17 -4.45 10.30
CA ASP B 229 19.05 -5.77 9.67
C ASP B 229 20.29 -6.15 8.85
N LEU B 230 21.14 -5.18 8.51
CA LEU B 230 22.23 -5.45 7.57
C LEU B 230 23.38 -6.17 8.26
N ASN B 231 23.93 -7.19 7.60
CA ASN B 231 25.06 -7.93 8.17
C ASN B 231 26.40 -7.39 7.73
N THR B 232 26.43 -6.30 6.97
CA THR B 232 27.66 -5.66 6.53
C THR B 232 27.66 -4.21 7.01
N ASP B 233 28.74 -3.81 7.66
CA ASP B 233 28.82 -2.46 8.21
C ASP B 233 28.81 -1.42 7.10
N ILE B 234 28.02 -0.37 7.30
CA ILE B 234 27.98 0.75 6.38
C ILE B 234 29.25 1.57 6.53
N ARG B 235 29.85 1.93 5.41
CA ARG B 235 31.06 2.75 5.43
C ARG B 235 30.65 4.21 5.38
N LEU B 236 30.59 4.84 6.54
CA LEU B 236 30.33 6.26 6.65
C LEU B 236 31.58 7.06 6.33
N ASN B 237 31.39 8.35 6.05
CA ASN B 237 32.50 9.27 5.77
C ASN B 237 33.34 8.79 4.59
N THR B 238 32.68 8.17 3.62
CA THR B 238 33.34 7.58 2.46
C THR B 238 32.63 8.05 1.19
N PRO B 239 32.80 9.32 0.82
CA PRO B 239 32.19 9.81 -0.42
C PRO B 239 32.84 9.18 -1.64
N VAL B 240 32.00 8.88 -2.63
CA VAL B 240 32.45 8.35 -3.91
C VAL B 240 32.78 9.51 -4.83
N ALA B 241 33.97 9.45 -5.44
CA ALA B 241 34.42 10.50 -6.36
C ALA B 241 34.27 10.13 -7.83
N LYS B 242 34.37 8.85 -8.17
CA LYS B 242 34.40 8.44 -9.57
C LYS B 242 33.77 7.06 -9.71
N VAL B 243 33.05 6.86 -10.81
CA VAL B 243 32.45 5.57 -11.18
C VAL B 243 32.82 5.30 -12.63
N GLU B 244 33.63 4.28 -12.86
CA GLU B 244 33.80 3.73 -14.20
C GLU B 244 32.86 2.55 -14.29
N HIS B 245 32.13 2.44 -15.40
CA HIS B 245 31.07 1.44 -15.50
C HIS B 245 31.09 0.83 -16.89
N HIS B 246 31.01 -0.49 -16.95
CA HIS B 246 31.04 -1.21 -18.22
C HIS B 246 30.03 -2.34 -18.18
N ASP B 247 30.14 -3.25 -19.13
CA ASP B 247 29.13 -4.29 -19.27
C ASP B 247 29.24 -5.39 -18.23
N ASN B 248 30.45 -5.62 -17.70
CA ASN B 248 30.76 -6.71 -16.80
C ASN B 248 30.91 -6.31 -15.37
N GLY B 249 31.39 -5.09 -15.13
CA GLY B 249 31.73 -4.75 -13.79
C GLY B 249 31.70 -3.26 -13.55
N ALA B 250 32.36 -2.86 -12.48
CA ALA B 250 32.21 -1.51 -11.98
C ALA B 250 33.36 -1.28 -11.02
N THR B 251 34.09 -0.20 -11.27
CA THR B 251 35.14 0.32 -10.38
C THR B 251 34.71 1.62 -9.70
N VAL B 252 34.80 1.68 -8.40
CA VAL B 252 34.45 2.90 -7.67
C VAL B 252 35.72 3.40 -7.03
N THR B 253 35.97 4.71 -7.14
CA THR B 253 37.07 5.38 -6.47
C THR B 253 36.49 6.37 -5.46
N THR B 254 36.92 6.26 -4.20
CA THR B 254 36.47 7.19 -3.18
C THR B 254 37.29 8.48 -3.24
N GLU B 255 36.89 9.46 -2.45
CA GLU B 255 37.66 10.70 -2.40
C GLU B 255 39.03 10.52 -1.78
N SER B 256 39.24 9.46 -0.97
CA SER B 256 40.55 9.18 -0.40
C SER B 256 41.47 8.44 -1.39
N GLY B 257 40.96 8.11 -2.59
CA GLY B 257 41.73 7.40 -3.60
C GLY B 257 41.57 5.90 -3.56
N GLU B 258 40.85 5.36 -2.59
CA GLU B 258 40.62 3.93 -2.54
C GLU B 258 39.83 3.49 -3.78
N VAL B 259 40.27 2.40 -4.40
CA VAL B 259 39.64 1.84 -5.59
C VAL B 259 38.94 0.53 -5.22
N ILE B 260 37.67 0.40 -5.62
CA ILE B 260 36.85 -0.74 -5.25
C ILE B 260 36.25 -1.32 -6.52
N GLU B 261 36.56 -2.57 -6.81
CA GLU B 261 36.00 -3.28 -7.95
C GLU B 261 34.62 -3.82 -7.58
N ALA B 262 33.68 -3.75 -8.53
CA ALA B 262 32.30 -4.10 -8.22
C ALA B 262 31.65 -4.87 -9.36
N SER B 263 30.68 -5.71 -8.98
CA SER B 263 29.85 -6.42 -9.94
C SER B 263 28.84 -5.49 -10.59
N ALA B 264 28.41 -4.47 -9.84
CA ALA B 264 27.39 -3.52 -10.24
C ALA B 264 27.46 -2.39 -9.24
N VAL B 265 27.01 -1.21 -9.66
CA VAL B 265 26.90 -0.06 -8.77
C VAL B 265 25.45 0.38 -8.76
N ILE B 266 24.90 0.53 -7.55
CA ILE B 266 23.56 1.09 -7.37
C ILE B 266 23.77 2.48 -6.80
N CYS B 267 23.57 3.50 -7.62
CA CYS B 267 23.93 4.87 -7.27
C CYS B 267 22.66 5.59 -6.84
N THR B 268 22.56 5.94 -5.55
CA THR B 268 21.37 6.62 -5.04
C THR B 268 21.60 8.10 -4.83
N VAL B 269 22.74 8.62 -5.26
CA VAL B 269 23.05 10.05 -5.16
C VAL B 269 22.02 10.83 -5.96
N PRO B 270 21.33 11.82 -5.38
CA PRO B 270 20.33 12.56 -6.16
C PRO B 270 20.98 13.49 -7.18
N VAL B 271 20.16 13.87 -8.16
CA VAL B 271 20.60 14.68 -9.29
C VAL B 271 21.32 15.95 -8.80
N GLY B 272 20.82 16.56 -7.74
CA GLY B 272 21.45 17.77 -7.21
C GLY B 272 22.86 17.57 -6.73
N ALA B 273 23.28 16.32 -6.52
CA ALA B 273 24.63 16.02 -6.06
C ALA B 273 25.41 15.16 -7.03
N LEU B 274 24.89 14.86 -8.21
CA LEU B 274 25.60 13.97 -9.13
C LEU B 274 26.84 14.63 -9.72
N SER B 275 26.91 15.96 -9.72
CA SER B 275 28.08 16.63 -10.25
C SER B 275 29.34 16.39 -9.43
N ASN B 276 29.22 15.90 -8.18
CA ASN B 276 30.39 15.54 -7.40
C ASN B 276 31.06 14.25 -7.89
N ILE B 277 30.41 13.49 -8.77
CA ILE B 277 30.93 12.20 -9.22
C ILE B 277 31.34 12.29 -10.68
N GLU B 278 32.56 11.87 -10.98
CA GLU B 278 33.02 11.71 -12.36
C GLU B 278 32.58 10.33 -12.85
N PHE B 279 31.80 10.30 -13.94
CA PHE B 279 31.37 9.06 -14.56
C PHE B 279 32.19 8.79 -15.81
N SER B 280 32.66 7.55 -15.96
CA SER B 280 33.45 7.12 -17.12
C SER B 280 32.91 5.80 -17.63
N PRO B 281 32.29 5.74 -18.81
CA PRO B 281 32.07 6.86 -19.73
C PRO B 281 31.09 7.89 -19.20
N ALA B 282 31.10 9.07 -19.82
CA ALA B 282 30.15 10.10 -19.46
C ALA B 282 28.73 9.57 -19.60
N LEU B 283 27.86 10.05 -18.74
CA LEU B 283 26.46 9.66 -18.82
C LEU B 283 25.87 10.11 -20.15
N PRO B 284 24.80 9.46 -20.62
CA PRO B 284 24.23 9.83 -21.93
C PRO B 284 23.74 11.27 -21.93
N ASP B 285 23.78 11.88 -23.12
CA ASP B 285 23.44 13.30 -23.26
C ASP B 285 22.07 13.64 -22.67
N ALA B 286 21.08 12.80 -22.92
CA ALA B 286 19.73 13.08 -22.44
C ALA B 286 19.66 13.04 -20.92
N VAL B 287 20.47 12.19 -20.29
CA VAL B 287 20.54 12.16 -18.83
C VAL B 287 21.29 13.37 -18.31
N GLN B 288 22.41 13.72 -18.94
CA GLN B 288 23.18 14.90 -18.54
C GLN B 288 22.34 16.16 -18.62
N SER B 289 21.42 16.24 -19.58
CA SER B 289 20.57 17.42 -19.70
C SER B 289 19.68 17.57 -18.48
N VAL B 290 19.16 16.46 -17.94
CA VAL B 290 18.38 16.55 -16.70
C VAL B 290 19.27 16.97 -15.54
N ILE B 291 20.48 16.43 -15.48
CA ILE B 291 21.40 16.79 -14.39
C ILE B 291 21.74 18.27 -14.45
N ASP B 292 21.95 18.80 -15.66
CA ASP B 292 22.27 20.22 -15.79
C ASP B 292 21.08 21.10 -15.41
N ASP B 293 19.89 20.68 -15.82
CA ASP B 293 18.67 21.40 -15.50
C ASP B 293 18.08 20.91 -14.18
N LYS B 294 18.69 19.86 -13.62
CA LYS B 294 18.28 19.25 -12.36
C LYS B 294 16.80 18.88 -12.31
N TRP B 295 16.19 19.08 -11.15
CA TRP B 295 14.77 18.78 -10.97
C TRP B 295 14.07 19.96 -10.31
N ASN B 296 12.79 19.82 -10.07
CA ASN B 296 12.01 20.89 -9.44
C ASN B 296 12.06 20.78 -7.91
N SER B 297 13.14 21.28 -7.32
CA SER B 297 13.32 21.24 -5.87
C SER B 297 14.31 22.27 -5.36
N GLN B 298 13.96 23.55 -5.49
CA GLN B 298 14.84 24.62 -5.02
C GLN B 298 14.36 25.24 -3.71
N GLY B 299 13.28 24.76 -3.14
CA GLY B 299 12.71 25.33 -1.94
C GLY B 299 13.34 24.83 -0.65
N ALA B 300 12.59 25.01 0.44
CA ALA B 300 13.12 24.75 1.78
C ALA B 300 11.98 24.49 2.76
N LYS B 301 12.34 23.82 3.85
CA LYS B 301 11.42 23.44 4.92
C LYS B 301 11.92 24.01 6.24
N ILE B 302 11.03 24.70 6.95
CA ILE B 302 11.36 25.37 8.20
C ILE B 302 10.49 24.81 9.31
N TRP B 303 11.02 24.88 10.53
CA TRP B 303 10.26 24.66 11.75
C TRP B 303 10.33 25.94 12.56
N ILE B 304 9.18 26.49 12.91
CA ILE B 304 9.09 27.76 13.64
C ILE B 304 8.39 27.51 14.97
N LYS B 305 8.93 28.09 16.06
CA LYS B 305 8.32 28.02 17.41
C LYS B 305 7.79 29.42 17.76
N ILE B 306 6.51 29.46 18.11
CA ILE B 306 5.81 30.69 18.48
C ILE B 306 5.38 30.61 19.94
N LYS B 307 5.43 31.75 20.63
CA LYS B 307 5.05 31.81 22.03
C LYS B 307 3.54 31.64 22.22
N GLY B 308 3.12 30.45 22.63
CA GLY B 308 1.72 30.17 22.85
C GLY B 308 1.21 28.94 22.13
N HIS B 309 -0.05 28.61 22.35
CA HIS B 309 -0.69 27.45 21.71
C HIS B 309 -1.72 27.96 20.71
N HIS B 310 -1.40 27.85 19.42
CA HIS B 310 -2.21 28.43 18.36
C HIS B 310 -2.42 27.42 17.25
N ARG B 311 -3.67 27.29 16.81
CA ARG B 311 -4.07 26.40 15.72
C ARG B 311 -4.11 27.24 14.45
N PHE B 312 -3.00 27.20 13.68
CA PHE B 312 -2.74 28.14 12.61
C PHE B 312 -2.51 27.42 11.29
N LEU B 313 -3.09 27.96 10.22
CA LEU B 313 -2.78 27.54 8.85
C LEU B 313 -2.64 28.78 7.98
N GLY B 314 -1.53 28.88 7.26
CA GLY B 314 -1.29 30.03 6.40
C GLY B 314 -0.83 29.64 5.01
N TYR B 315 -1.44 30.28 4.01
CA TYR B 315 -1.07 30.13 2.61
C TYR B 315 -0.63 31.48 2.05
N ALA B 316 0.45 31.48 1.26
CA ALA B 316 0.88 32.69 0.55
C ALA B 316 1.54 32.31 -0.77
N PRO B 317 1.28 33.04 -1.85
CA PRO B 317 1.85 32.69 -3.15
C PRO B 317 3.30 33.17 -3.30
N LYS B 318 3.93 32.68 -4.37
CA LYS B 318 5.24 33.14 -4.77
C LYS B 318 5.22 34.67 -4.86
N PRO B 319 6.29 35.38 -4.42
CA PRO B 319 7.59 34.94 -3.93
C PRO B 319 7.77 34.95 -2.40
N ALA B 320 6.71 34.59 -1.68
CA ALA B 320 6.76 34.53 -0.21
C ALA B 320 7.93 33.68 0.28
N LYS B 321 8.50 34.07 1.42
CA LYS B 321 9.50 33.25 2.08
C LYS B 321 8.96 31.84 2.36
N MET B 322 7.73 31.75 2.83
CA MET B 322 7.08 30.46 3.03
C MET B 322 5.68 30.50 2.45
N SER B 323 5.29 29.42 1.78
CA SER B 323 4.02 29.39 1.08
C SER B 323 2.93 28.62 1.81
N VAL B 324 3.28 27.60 2.59
CA VAL B 324 2.33 26.87 3.40
C VAL B 324 2.96 26.66 4.77
N VAL B 325 2.27 27.12 5.82
CA VAL B 325 2.73 27.06 7.20
C VAL B 325 1.57 26.53 8.03
N ARG B 326 1.84 25.54 8.89
CA ARG B 326 0.78 24.89 9.66
C ARG B 326 1.30 24.49 11.04
N SER B 327 0.44 24.65 12.06
CA SER B 327 0.73 24.14 13.38
C SER B 327 0.92 22.63 13.35
N GLU B 328 1.94 22.15 14.06
CA GLU B 328 2.25 20.72 14.11
C GLU B 328 2.32 20.16 15.52
N TYR B 329 2.88 20.90 16.46
CA TYR B 329 3.03 20.42 17.83
C TYR B 329 2.68 21.51 18.83
N PHE B 330 2.00 21.10 19.90
CA PHE B 330 1.59 21.99 20.99
C PHE B 330 2.43 21.61 22.20
N MET B 331 3.45 22.41 22.48
CA MET B 331 4.52 22.06 23.40
C MET B 331 4.15 22.40 24.84
N ASP B 332 4.79 21.71 25.79
CA ASP B 332 4.43 21.83 27.20
C ASP B 332 4.90 23.13 27.84
N ASP B 333 5.69 23.95 27.15
CA ASP B 333 6.06 25.27 27.66
C ASP B 333 5.17 26.37 27.07
N ASP B 334 3.90 26.07 26.84
CA ASP B 334 2.99 26.98 26.17
C ASP B 334 3.62 27.56 24.91
N THR B 335 4.07 26.67 24.02
CA THR B 335 4.66 27.05 22.73
C THR B 335 4.09 26.15 21.64
N THR B 336 4.05 26.68 20.43
CA THR B 336 3.61 25.93 19.25
C THR B 336 4.74 25.83 18.25
N ILE B 337 4.96 24.63 17.73
CA ILE B 337 5.88 24.42 16.63
C ILE B 337 5.07 24.28 15.35
N LEU B 338 5.41 25.08 14.35
CA LEU B 338 4.78 25.07 13.05
C LEU B 338 5.78 24.59 12.02
N VAL B 339 5.30 23.97 10.95
CA VAL B 339 6.13 23.60 9.82
C VAL B 339 5.78 24.53 8.68
N GLY B 340 6.76 24.80 7.83
CA GLY B 340 6.53 25.61 6.65
C GLY B 340 7.33 25.12 5.47
N PHE B 341 6.78 25.35 4.28
CA PHE B 341 7.42 25.02 3.01
C PHE B 341 7.44 26.24 2.12
N GLY B 342 8.59 26.51 1.52
CA GLY B 342 8.78 27.69 0.68
C GLY B 342 9.50 27.35 -0.60
N TYR B 343 9.33 28.22 -1.58
CA TYR B 343 9.74 27.90 -2.95
C TYR B 343 11.21 28.20 -3.24
N ASP B 344 11.91 28.94 -2.38
CA ASP B 344 13.22 29.50 -2.73
C ASP B 344 14.13 29.46 -1.51
N ASN B 345 15.03 28.47 -1.47
CA ASN B 345 15.92 28.33 -0.33
C ASN B 345 16.81 29.55 -0.13
N THR B 346 17.06 30.33 -1.17
CA THR B 346 17.96 31.47 -1.03
C THR B 346 17.28 32.71 -0.46
N ASN B 347 15.97 32.70 -0.26
CA ASN B 347 15.29 33.89 0.24
C ASN B 347 14.95 33.78 1.73
N ILE B 348 15.41 32.74 2.41
CA ILE B 348 15.11 32.60 3.83
C ILE B 348 16.27 31.87 4.50
N ASP B 349 16.66 32.38 5.67
CA ASP B 349 17.60 31.69 6.54
C ASP B 349 16.77 30.94 7.56
N LEU B 350 16.77 29.61 7.46
CA LEU B 350 15.89 28.79 8.28
C LEU B 350 16.21 28.88 9.77
N ASN B 351 17.37 29.44 10.12
CA ASN B 351 17.78 29.49 11.52
C ASN B 351 17.83 30.92 12.03
N SER B 352 17.28 31.85 11.28
CA SER B 352 17.27 33.27 11.65
C SER B 352 15.91 33.57 12.26
N ILE B 353 15.92 34.00 13.52
CA ILE B 353 14.65 34.30 14.19
C ILE B 353 13.92 35.43 13.50
N GLU B 354 14.65 36.43 12.99
CA GLU B 354 14.00 37.54 12.27
C GLU B 354 13.35 37.07 10.98
N ASP B 355 13.99 36.12 10.29
CA ASP B 355 13.39 35.60 9.06
C ASP B 355 12.16 34.78 9.38
N ALA B 356 12.21 33.97 10.43
CA ALA B 356 11.02 33.21 10.83
C ALA B 356 9.89 34.14 11.25
N GLN B 357 10.22 35.25 11.92
CA GLN B 357 9.19 36.21 12.28
C GLN B 357 8.61 36.87 11.03
N ALA B 358 9.45 37.14 10.03
CA ALA B 358 8.95 37.67 8.76
C ALA B 358 7.95 36.71 8.12
N VAL B 359 8.19 35.40 8.25
CA VAL B 359 7.25 34.42 7.72
C VAL B 359 5.90 34.55 8.39
N ILE B 360 5.89 34.52 9.73
CA ILE B 360 4.63 34.61 10.45
C ILE B 360 3.94 35.93 10.15
N ASN B 361 4.73 37.00 10.01
CA ASN B 361 4.19 38.33 9.73
C ASN B 361 3.50 38.42 8.38
N GLN B 362 3.68 37.43 7.50
CA GLN B 362 2.90 37.37 6.28
C GLN B 362 1.41 37.36 6.56
N TRP B 363 1.00 36.79 7.69
CA TRP B 363 -0.42 36.61 8.02
C TRP B 363 -0.82 37.28 9.33
N ARG B 364 0.08 37.32 10.32
CA ARG B 364 -0.09 38.04 11.58
C ARG B 364 1.08 39.01 11.76
N ASP B 366 0.57 39.48 15.41
CA ASP B 366 0.63 39.54 16.87
C ASP B 366 1.29 38.28 17.44
N LEU B 367 1.65 37.35 16.55
CA LEU B 367 2.28 36.11 16.98
C LEU B 367 3.80 36.28 17.08
N GLU B 368 4.37 35.74 17.95
CA GLU B 368 5.76 36.00 18.29
C GLU B 368 6.59 34.72 18.20
N VAL B 370 9.89 32.47 18.84
CA VAL B 370 10.99 32.59 19.79
C VAL B 370 12.12 31.63 19.44
N ASP B 371 12.07 31.02 18.33
CA ASP B 371 12.94 29.93 17.91
C ASP B 371 12.56 29.45 16.51
N THR B 372 13.55 28.97 15.78
CA THR B 372 13.36 28.50 14.41
C THR B 372 14.53 27.59 14.02
N THR B 373 14.25 26.60 13.18
CA THR B 373 15.33 25.73 12.74
C THR B 373 15.01 25.09 11.39
N GLY B 374 16.04 24.59 10.74
CA GLY B 374 15.88 23.82 9.52
C GLY B 374 17.23 23.48 8.94
N HIS B 375 17.22 22.56 7.97
CA HIS B 375 18.40 22.21 7.21
C HIS B 375 18.16 22.54 5.74
N ASN B 376 19.03 23.36 5.16
CA ASN B 376 18.87 23.78 3.77
C ASN B 376 19.44 22.71 2.86
N TRP B 377 18.57 21.77 2.48
CA TRP B 377 18.98 20.64 1.65
C TRP B 377 19.60 21.10 0.33
N VAL B 378 19.10 22.20 -0.24
CA VAL B 378 19.62 22.65 -1.54
C VAL B 378 21.09 23.06 -1.43
N ALA B 379 21.49 23.62 -0.28
CA ALA B 379 22.88 24.01 -0.04
C ALA B 379 23.72 22.90 0.58
N ASP B 380 23.18 21.69 0.65
CA ASP B 380 23.87 20.52 1.19
C ASP B 380 24.46 19.77 0.00
N LYS B 381 25.80 19.70 -0.05
CA LYS B 381 26.45 19.25 -1.28
C LYS B 381 26.13 17.80 -1.61
N TRP B 382 25.67 17.02 -0.63
CA TRP B 382 25.33 15.61 -0.83
C TRP B 382 23.86 15.43 -1.20
N ALA B 383 23.12 16.53 -1.35
CA ALA B 383 21.73 16.48 -1.79
C ALA B 383 21.51 17.47 -2.93
N GLY B 384 21.72 18.76 -2.67
CA GLY B 384 21.58 19.74 -3.72
C GLY B 384 20.16 19.99 -4.18
N GLN B 385 19.22 19.53 -3.41
CA GLN B 385 17.82 19.63 -3.70
C GLN B 385 17.03 19.24 -2.47
N ALA B 386 15.72 19.51 -2.49
CA ALA B 386 14.87 19.00 -1.44
C ALA B 386 14.28 17.65 -1.98
N TRP B 387 12.99 17.46 -1.95
CA TRP B 387 12.45 16.28 -2.61
C TRP B 387 12.36 16.54 -4.13
N GLY B 388 12.60 15.51 -4.92
CA GLY B 388 12.58 15.68 -6.36
C GLY B 388 11.22 15.99 -6.91
N THR B 389 11.13 17.07 -7.69
CA THR B 389 9.91 17.46 -8.40
C THR B 389 10.25 17.81 -9.84
N LEU B 390 9.24 17.80 -10.71
CA LEU B 390 9.47 17.80 -12.15
C LEU B 390 9.31 19.19 -12.75
N ARG B 391 10.31 19.64 -13.50
CA ARG B 391 10.14 20.77 -14.40
C ARG B 391 9.35 20.33 -15.63
N LYS B 392 8.84 21.32 -16.36
CA LYS B 392 8.22 21.06 -17.66
C LYS B 392 9.08 20.13 -18.48
N GLY B 393 8.44 19.10 -19.05
CA GLY B 393 9.11 18.16 -19.91
C GLY B 393 9.81 17.02 -19.20
N GLN B 394 9.90 17.06 -17.87
CA GLN B 394 10.64 16.03 -17.14
C GLN B 394 9.79 14.83 -16.77
N PHE B 395 8.47 14.88 -16.97
CA PHE B 395 7.66 13.68 -16.74
C PHE B 395 7.91 12.64 -17.83
N THR B 396 8.05 13.07 -19.08
CA THR B 396 8.21 12.14 -20.19
C THR B 396 9.65 12.05 -20.69
N GLN B 397 10.48 13.06 -20.47
CA GLN B 397 11.88 13.04 -20.84
C GLN B 397 12.75 13.50 -19.66
N GLY B 398 12.55 12.86 -18.51
CA GLY B 398 13.32 13.21 -17.33
C GLY B 398 13.65 11.99 -16.47
N TRP B 399 12.80 11.70 -15.50
CA TRP B 399 13.14 10.68 -14.51
C TRP B 399 13.32 9.29 -15.13
N SER B 400 12.57 8.96 -16.19
CA SER B 400 12.65 7.62 -16.74
C SER B 400 13.92 7.39 -17.54
N LEU B 401 14.63 8.46 -17.91
CA LEU B 401 15.85 8.29 -18.69
C LEU B 401 16.96 7.68 -17.88
N PHE B 402 16.89 7.72 -16.55
CA PHE B 402 17.96 7.21 -15.71
C PHE B 402 17.97 5.68 -15.64
N ASP B 403 16.88 5.03 -16.03
CA ASP B 403 16.97 3.61 -16.33
C ASP B 403 17.66 3.46 -17.68
N ASP B 404 18.00 2.23 -18.03
CA ASP B 404 18.58 1.96 -19.34
C ASP B 404 19.87 2.76 -19.56
N ILE B 405 20.70 2.76 -18.53
CA ILE B 405 22.14 2.94 -18.70
C ILE B 405 22.69 1.60 -19.14
N ASP B 406 23.38 1.56 -20.28
CA ASP B 406 23.80 0.28 -20.86
C ASP B 406 25.14 -0.17 -20.29
N SER B 407 25.12 -0.44 -18.99
CA SER B 407 26.29 -0.87 -18.23
C SER B 407 25.78 -1.37 -16.88
N GLN B 408 26.72 -1.79 -16.03
CA GLN B 408 26.35 -2.24 -14.69
C GLN B 408 26.24 -1.10 -13.67
N LEU B 409 26.13 0.14 -14.13
CA LEU B 409 25.71 1.25 -13.29
C LEU B 409 24.19 1.33 -13.33
N PHE B 410 23.58 1.34 -12.15
CA PHE B 410 22.14 1.49 -11.99
C PHE B 410 21.85 2.70 -11.13
N PHE B 411 20.86 3.50 -11.53
CA PHE B 411 20.39 4.63 -10.74
C PHE B 411 19.15 4.23 -9.97
N ALA B 412 19.19 4.43 -8.64
CA ALA B 412 18.04 4.13 -7.81
C ALA B 412 17.84 5.26 -6.83
N GLY B 413 16.59 5.47 -6.45
CA GLY B 413 16.25 6.54 -5.52
C GLY B 413 14.83 6.97 -5.79
N SER B 414 14.30 7.72 -4.82
CA SER B 414 12.90 8.14 -4.95
C SER B 414 12.65 8.91 -6.25
N ASP B 415 13.64 9.66 -6.72
CA ASP B 415 13.45 10.52 -7.88
C ASP B 415 13.23 9.75 -9.19
N TYR B 416 13.46 8.44 -9.21
CA TYR B 416 13.21 7.63 -10.41
C TYR B 416 12.12 6.60 -10.22
N ALA B 417 11.32 6.70 -9.16
CA ALA B 417 10.28 5.72 -8.89
C ALA B 417 9.12 5.82 -9.89
N TYR B 418 8.40 4.70 -10.05
CA TYR B 418 7.19 4.72 -10.88
C TYR B 418 6.04 5.39 -10.15
N GLY B 419 6.03 5.32 -8.82
CA GLY B 419 4.85 5.71 -8.07
C GLY B 419 4.95 7.09 -7.44
N TRP B 420 5.15 7.12 -6.12
CA TRP B 420 5.24 8.35 -5.34
C TRP B 420 6.64 8.94 -5.49
N ARG B 421 6.94 9.34 -6.72
CA ARG B 421 8.29 9.69 -7.12
C ARG B 421 8.76 11.00 -6.51
N GLY B 422 9.95 10.97 -5.92
CA GLY B 422 10.61 12.15 -5.39
C GLY B 422 10.05 12.60 -4.06
N VAL B 423 8.74 12.88 -4.05
CA VAL B 423 8.09 13.50 -2.91
C VAL B 423 8.04 12.58 -1.69
N CYS B 424 8.14 11.26 -1.87
CA CYS B 424 7.87 10.36 -0.77
C CYS B 424 8.96 9.32 -0.58
N VAL B 425 9.16 8.96 0.69
CA VAL B 425 10.01 7.82 1.04
C VAL B 425 9.51 6.57 0.34
N ASP B 426 8.19 6.49 0.07
CA ASP B 426 7.66 5.34 -0.65
C ASP B 426 8.38 5.12 -1.97
N GLY B 427 8.69 6.20 -2.67
CA GLY B 427 9.40 6.07 -3.94
C GLY B 427 10.83 5.59 -3.77
N ALA B 428 11.51 6.01 -2.70
CA ALA B 428 12.86 5.51 -2.43
C ALA B 428 12.84 4.01 -2.10
N LEU B 429 11.88 3.59 -1.28
CA LEU B 429 11.79 2.18 -0.92
C LEU B 429 11.37 1.35 -2.12
N GLU B 430 10.53 1.91 -2.98
CA GLU B 430 10.16 1.23 -4.21
C GLU B 430 11.39 1.01 -5.10
N LYS B 431 12.08 2.09 -5.44
CA LYS B 431 13.09 2.01 -6.47
C LYS B 431 14.39 1.37 -5.97
N GLY B 432 14.75 1.56 -4.70
CA GLY B 432 15.87 0.80 -4.16
C GLY B 432 15.63 -0.69 -4.25
N MET B 433 14.43 -1.13 -3.88
CA MET B 433 14.13 -2.56 -3.89
C MET B 433 14.13 -3.10 -5.32
N THR B 434 13.45 -2.39 -6.23
CA THR B 434 13.32 -2.95 -7.57
C THR B 434 14.64 -2.90 -8.33
N THR B 435 15.50 -1.91 -8.04
CA THR B 435 16.82 -1.88 -8.66
C THR B 435 17.69 -3.01 -8.14
N ALA B 436 17.59 -3.32 -6.85
CA ALA B 436 18.26 -4.51 -6.35
C ALA B 436 17.75 -5.76 -7.06
N ARG B 437 16.45 -5.83 -7.37
CA ARG B 437 15.95 -6.97 -8.12
C ARG B 437 16.51 -7.01 -9.54
N GLN B 438 16.72 -5.83 -10.16
CA GLN B 438 17.37 -5.80 -11.47
C GLN B 438 18.74 -6.45 -11.42
N VAL B 439 19.51 -6.14 -10.40
CA VAL B 439 20.82 -6.68 -10.22
C VAL B 439 20.64 -8.17 -9.93
N ILE B 440 19.71 -8.43 -9.05
CA ILE B 440 19.23 -9.75 -8.84
C ILE B 440 18.08 -9.59 -9.92
N ASN B 441 18.34 -10.57 -10.75
CA ASN B 441 17.75 -11.13 -11.95
C ASN B 441 18.88 -11.18 -12.96
PA FAD C . -2.91 -20.95 3.60
O1A FAD C . -2.80 -20.49 2.20
O2A FAD C . -4.10 -21.79 4.02
O5B FAD C . -1.58 -21.75 3.89
C5B FAD C . -1.53 -22.78 4.90
C4B FAD C . -0.71 -23.90 4.31
O4B FAD C . -0.50 -24.93 5.32
C3B FAD C . -1.34 -24.60 3.11
O3B FAD C . -0.39 -24.71 2.06
C2B FAD C . -1.77 -25.97 3.67
O2B FAD C . -1.74 -27.02 2.72
C1B FAD C . -0.70 -26.19 4.73
N9A FAD C . -1.05 -27.13 5.79
C8A FAD C . -2.28 -27.33 6.36
N7A FAD C . -2.29 -28.22 7.33
C5A FAD C . -0.96 -28.63 7.40
C6A FAD C . -0.30 -29.55 8.24
N6A FAD C . -0.91 -30.27 9.19
N1A FAD C . 1.03 -29.73 8.06
C2A FAD C . 1.64 -29.02 7.11
N3A FAD C . 1.13 -28.12 6.26
C4A FAD C . -0.19 -27.96 6.48
N1 FAD C . -7.16 -13.10 -1.38
C2 FAD C . -6.99 -11.99 -2.16
O2 FAD C . -6.16 -11.12 -1.88
N3 FAD C . -7.71 -11.86 -3.32
C4 FAD C . -8.65 -12.74 -3.80
O4 FAD C . -9.24 -12.50 -4.83
C4X FAD C . -8.83 -13.91 -2.96
N5 FAD C . -9.69 -14.81 -3.34
C5X FAD C . -9.86 -15.93 -2.55
C6 FAD C . -10.78 -16.90 -2.96
C7 FAD C . -10.97 -18.05 -2.21
C7M FAD C . -11.98 -19.08 -2.67
C8 FAD C . -10.25 -18.22 -1.02
C8M FAD C . -10.44 -19.45 -0.17
C9 FAD C . -9.34 -17.25 -0.61
C9A FAD C . -9.14 -16.11 -1.37
N10 FAD C . -8.20 -15.12 -1.01
C10 FAD C . -8.04 -13.99 -1.77
C1' FAD C . -7.50 -15.19 0.29
C2' FAD C . -6.11 -15.77 0.24
O2' FAD C . -6.14 -16.98 -0.51
C3' FAD C . -5.69 -16.06 1.68
O3' FAD C . -5.88 -14.92 2.51
C4' FAD C . -4.24 -16.50 1.81
O4' FAD C . -3.89 -17.22 0.63
C5' FAD C . -4.06 -17.34 3.06
O5' FAD C . -2.66 -17.63 3.22
P FAD C . -2.10 -18.27 4.55
O1P FAD C . -0.62 -18.52 4.26
O2P FAD C . -2.53 -17.49 5.68
O3P FAD C . -2.85 -19.70 4.59
C4 AEF D . -12.90 -12.26 -2.82
C5 AEF D . -16.38 -10.76 -2.58
C6 AEF D . -14.81 -9.15 -1.76
C7 AEF D . -12.24 -12.75 -1.53
C8 AEF D . -16.12 -9.52 -2.05
O10 AEF D . -17.16 -8.61 -1.80
C3 AEF D . -13.78 -10.03 -2.01
C2 AEF D . -15.35 -11.65 -2.82
C1 AEF D . -14.05 -11.28 -2.54
N9 AEF D . -11.67 -14.07 -1.72
PA FAD E . 18.74 10.26 -0.35
O1A FAD E . 18.00 10.23 0.92
O2A FAD E . 19.14 11.63 -0.85
O5B FAD E . 20.00 9.33 -0.16
C5B FAD E . 21.19 9.51 -0.96
C4B FAD E . 22.36 9.31 -0.02
O4B FAD E . 23.60 9.37 -0.76
C3B FAD E . 22.46 10.36 1.10
O3B FAD E . 22.60 9.72 2.36
C2B FAD E . 23.69 11.20 0.68
O2B FAD E . 24.41 11.76 1.77
C1B FAD E . 24.53 10.14 -0.03
N9A FAD E . 25.51 10.65 -0.98
C8A FAD E . 25.41 11.73 -1.81
N7A FAD E . 26.44 11.91 -2.59
C5A FAD E . 27.29 10.87 -2.27
C6A FAD E . 28.56 10.48 -2.73
N6A FAD E . 29.24 11.14 -3.68
N1A FAD E . 29.13 9.38 -2.18
C2A FAD E . 28.47 8.71 -1.24
N3A FAD E . 27.26 8.98 -0.71
C4A FAD E . 26.72 10.06 -1.28
N1 FAD E . 8.95 11.85 1.96
C2 FAD E . 7.81 11.38 2.55
O2 FAD E . 7.40 10.25 2.34
N3 FAD E . 7.14 12.16 3.46
C4 FAD E . 7.48 13.44 3.84
O4 FAD E . 6.80 14.03 4.67
C4X FAD E . 8.68 13.94 3.21
N5 FAD E . 9.09 15.13 3.53
C5X FAD E . 10.24 15.60 2.93
C6 FAD E . 10.69 16.88 3.27
C7 FAD E . 11.85 17.39 2.70
C7M FAD E . 12.31 18.78 3.09
C8 FAD E . 12.57 16.62 1.78
C8M FAD E . 13.82 17.17 1.15
C9 FAD E . 12.13 15.35 1.44
C9A FAD E . 10.97 14.84 2.01
N10 FAD E . 10.50 13.54 1.71
C10 FAD E . 9.35 13.07 2.27
C1' FAD E . 11.15 12.74 0.66
C2' FAD E . 12.10 11.68 1.16
O2' FAD E . 13.01 12.29 2.08
C3' FAD E . 12.89 11.16 -0.05
O3' FAD E . 12.02 10.75 -1.10
C4' FAD E . 13.82 10.01 0.28
O4' FAD E . 14.32 10.21 1.59
C5' FAD E . 14.94 9.96 -0.74
O5' FAD E . 15.74 8.79 -0.50
P FAD E . 16.86 8.34 -1.51
O1P FAD E . 17.56 7.13 -0.91
O2P FAD E . 16.27 8.24 -2.83
O3P FAD E . 17.88 9.60 -1.51
C4 AEF F . 5.78 17.22 1.96
C5 AEF F . 3.55 19.73 0.20
C6 AEF F . 2.76 17.50 -0.26
C7 AEF F . 6.32 16.04 1.18
C8 AEF F . 2.65 18.86 -0.41
O10 AEF F . 1.62 19.40 -1.20
C3 AEF F . 3.78 16.99 0.52
C2 AEF F . 4.57 19.22 0.99
C1 AEF F . 4.68 17.85 1.13
N9 AEF F . 7.74 16.18 1.00
#